data_6XW5
#
_entry.id   6XW5
#
_cell.length_a   101.720
_cell.length_b   101.720
_cell.length_c   228.520
_cell.angle_alpha   90.000
_cell.angle_beta   90.000
_cell.angle_gamma   90.000
#
_symmetry.space_group_name_H-M   'P 41 21 2'
#
loop_
_entity.id
_entity.type
_entity.pdbx_description
1 polymer 'Capsid protein'
2 polymer 'Nanobody NB-5820'
3 non-polymer 1,2-ETHANEDIOL
4 non-polymer 2-AMINO-2-HYDROXYMETHYL-PROPANE-1,3-DIOL
5 water water
#
loop_
_entity_poly.entity_id
_entity_poly.type
_entity_poly.pdbx_seq_one_letter_code
_entity_poly.pdbx_strand_id
1 'polypeptide(L)'
;RMVDLPVIQPRLCTHARWPAPVYGLLVDPSLPSNPQWQNGRVHVDGTLLGTTPISGSWVSCFAAEAAYKFQSGTGEVATF
TLIEQDGSAYVPGDRAAPLGYPDFSGQLEIEVQTETTKTGDKLKVTTFEMILGPTTNADQAPYQGRVFASVTAAASLDLV
DGRVRAVPRSIYGFQDTIPEYNDGLLVPLAPPIGPFLPGEVLLRFRTYMRQIDTADAAAEAIDCALPQEFVSWFASNAFT
VQSEALLLRYRNTLTGQLLFECKLYNEGYIALSYSGSGPLTFPTDGIFEVVSWVPRLYQLASVGSL
;
A,B
2 'polypeptide(L)'
;QVQLQESGGGLVQAGGSLRLSCAASGRTFSLTTMGWFRQAPGEDRAFVTSISRAAYTYYADSVKGRFTISRDNAKNMVSL
QMNSLKPEDTAVYVCAGKGQGGTWDYWGQGTQVTVSSHHHHHH
;
C,D
#
# COMPACT_ATOMS: atom_id res chain seq x y z
N ARG A 1 -23.24 6.43 2.13
CA ARG A 1 -23.29 5.03 2.71
C ARG A 1 -22.67 5.09 4.13
N MET A 2 -23.10 4.20 5.03
CA MET A 2 -22.48 4.08 6.37
C MET A 2 -20.96 3.85 6.18
N VAL A 3 -20.16 4.47 7.03
CA VAL A 3 -18.71 4.15 7.13
C VAL A 3 -18.54 2.64 7.35
N ASP A 4 -17.62 2.00 6.64
CA ASP A 4 -17.15 0.65 7.02
C ASP A 4 -15.62 0.68 6.91
N LEU A 5 -14.97 -0.37 7.41
CA LEU A 5 -13.50 -0.55 7.29
C LEU A 5 -13.22 -1.79 6.49
N PRO A 6 -12.09 -1.85 5.76
CA PRO A 6 -11.60 -3.09 5.19
C PRO A 6 -11.49 -4.12 6.31
N VAL A 7 -11.83 -5.34 5.97
CA VAL A 7 -11.75 -6.46 6.93
C VAL A 7 -10.34 -7.05 6.82
N ILE A 8 -9.32 -6.29 7.14
CA ILE A 8 -7.90 -6.69 6.95
C ILE A 8 -7.29 -6.76 8.34
N GLN A 9 -6.64 -7.86 8.63
CA GLN A 9 -5.91 -8.04 9.91
C GLN A 9 -4.73 -7.08 9.94
N PRO A 10 -4.41 -6.49 11.13
CA PRO A 10 -3.22 -5.64 11.24
C PRO A 10 -1.94 -6.29 10.70
N ARG A 11 -1.71 -7.59 10.96
CA ARG A 11 -0.45 -8.25 10.55
C ARG A 11 -0.34 -8.38 9.03
N LEU A 12 -1.42 -8.12 8.26
CA LEU A 12 -1.35 -8.15 6.79
C LEU A 12 -1.26 -6.73 6.21
N CYS A 13 -1.12 -5.73 7.10
CA CYS A 13 -1.11 -4.31 6.67
C CYS A 13 0.30 -3.77 6.55
N THR A 14 0.38 -2.58 5.94
CA THR A 14 1.60 -1.80 5.69
C THR A 14 1.66 -0.67 6.73
N HIS A 15 2.84 -0.43 7.30
CA HIS A 15 3.00 0.66 8.29
C HIS A 15 2.98 2.00 7.59
N ALA A 16 2.52 3.03 8.29
CA ALA A 16 2.30 4.35 7.67
C ALA A 16 3.39 5.37 8.06
N ARG A 17 4.39 5.02 8.86
CA ARG A 17 5.48 5.96 9.19
C ARG A 17 6.86 5.42 8.85
N TRP A 18 7.00 4.09 8.69
CA TRP A 18 8.26 3.49 8.19
C TRP A 18 7.84 2.41 7.21
N PRO A 19 8.49 2.31 6.03
CA PRO A 19 7.96 1.50 4.92
C PRO A 19 8.30 0.02 5.10
N ALA A 20 7.49 -0.62 5.91
CA ALA A 20 7.64 -2.01 6.36
C ALA A 20 6.26 -2.55 6.75
N PRO A 21 6.14 -3.89 6.89
CA PRO A 21 4.91 -4.47 7.43
C PRO A 21 4.57 -3.97 8.84
N VAL A 22 3.29 -4.01 9.19
CA VAL A 22 2.86 -3.89 10.60
C VAL A 22 3.15 -5.22 11.31
N TYR A 23 3.84 -5.16 12.43
CA TYR A 23 4.16 -6.36 13.23
C TYR A 23 3.40 -6.38 14.56
N GLY A 24 3.00 -5.24 15.12
CA GLY A 24 2.46 -5.20 16.48
C GLY A 24 1.23 -4.29 16.55
N LEU A 25 0.42 -4.56 17.57
CA LEU A 25 -0.75 -3.76 17.93
C LEU A 25 -0.73 -3.67 19.45
N LEU A 26 -0.78 -2.45 20.01
CA LEU A 26 -0.65 -2.31 21.48
C LEU A 26 -1.16 -0.95 21.95
N VAL A 27 -1.36 -0.89 23.27
CA VAL A 27 -1.39 0.41 24.00
C VAL A 27 -0.22 0.40 24.97
N ASP A 28 0.32 1.59 25.26
CA ASP A 28 1.46 1.70 26.20
C ASP A 28 1.42 3.10 26.82
N PRO A 29 0.77 3.22 27.99
CA PRO A 29 0.65 4.51 28.70
C PRO A 29 1.96 5.17 29.12
N SER A 30 3.08 4.47 29.08
CA SER A 30 4.41 5.05 29.35
C SER A 30 4.89 5.93 28.21
N LEU A 31 4.34 5.76 27.02
CA LEU A 31 4.87 6.49 25.86
C LEU A 31 4.16 7.84 25.82
N PRO A 32 4.67 8.80 25.03
CA PRO A 32 3.99 10.09 24.93
C PRO A 32 2.54 9.92 24.47
N SER A 33 1.62 10.53 25.20
CA SER A 33 0.17 10.30 25.06
C SER A 33 -0.38 10.93 23.78
N ASN A 34 0.15 12.09 23.37
CA ASN A 34 -0.44 12.90 22.30
C ASN A 34 0.65 13.20 21.29
N PRO A 35 1.18 12.19 20.56
CA PRO A 35 2.26 12.45 19.61
C PRO A 35 1.84 13.33 18.43
N GLN A 36 2.81 14.02 17.83
CA GLN A 36 2.56 14.94 16.70
C GLN A 36 3.09 14.33 15.42
N TRP A 37 2.76 13.06 15.21
CA TRP A 37 3.06 12.37 13.94
C TRP A 37 2.45 13.14 12.77
N GLN A 38 3.19 13.22 11.67
CA GLN A 38 2.74 13.93 10.44
C GLN A 38 2.39 12.95 9.31
N ASN A 39 2.91 11.72 9.32
CA ASN A 39 2.50 10.65 8.36
C ASN A 39 1.54 9.71 9.08
N GLY A 40 0.81 8.89 8.32
CA GLY A 40 -0.19 8.00 8.92
C GLY A 40 -1.38 8.75 9.52
N ARG A 41 -1.71 9.92 9.00
CA ARG A 41 -2.76 10.81 9.57
C ARG A 41 -3.81 11.05 8.49
N VAL A 42 -5.06 10.65 8.73
CA VAL A 42 -6.14 10.85 7.74
C VAL A 42 -7.40 11.19 8.53
N HIS A 43 -8.23 12.02 7.98
CA HIS A 43 -9.59 12.26 8.51
C HIS A 43 -10.59 11.25 7.92
N VAL A 44 -11.55 10.81 8.72
CA VAL A 44 -12.57 9.86 8.20
C VAL A 44 -13.34 10.45 7.01
N ASP A 45 -13.36 11.78 6.85
CA ASP A 45 -14.03 12.44 5.70
C ASP A 45 -13.21 12.30 4.40
N GLY A 46 -12.02 11.71 4.47
CA GLY A 46 -11.17 11.41 3.31
C GLY A 46 -10.00 12.36 3.11
N THR A 47 -9.77 13.30 4.02
CA THR A 47 -8.67 14.28 3.88
C THR A 47 -7.39 13.72 4.48
N LEU A 48 -6.35 13.59 3.65
CA LEU A 48 -5.00 13.29 4.16
C LEU A 48 -4.55 14.44 5.07
N LEU A 49 -3.99 14.11 6.21
CA LEU A 49 -3.55 15.14 7.17
C LEU A 49 -2.04 15.13 7.26
N GLY A 50 -1.47 16.25 7.70
CA GLY A 50 -0.03 16.43 7.76
C GLY A 50 0.57 16.13 6.40
N THR A 51 1.68 15.39 6.39
CA THR A 51 2.43 15.07 5.16
C THR A 51 1.98 13.71 4.59
N THR A 52 0.95 13.11 5.15
CA THR A 52 0.54 11.72 4.80
C THR A 52 0.32 11.61 3.30
N PRO A 53 0.96 10.61 2.64
CA PRO A 53 0.66 10.26 1.25
C PRO A 53 -0.37 9.13 1.17
N ILE A 54 -0.91 8.93 -0.03
CA ILE A 54 -1.74 7.77 -0.41
C ILE A 54 -0.89 6.49 -0.44
N SER A 55 0.25 6.54 -1.06
CA SER A 55 1.08 5.35 -1.34
C SER A 55 1.98 5.03 -0.15
N GLY A 56 1.97 3.78 0.31
CA GLY A 56 2.98 3.31 1.27
C GLY A 56 4.39 3.47 0.75
N SER A 57 4.63 3.45 -0.58
CA SER A 57 5.98 3.54 -1.13
C SER A 57 6.54 4.95 -0.97
N TRP A 58 5.70 5.93 -0.64
CA TRP A 58 6.19 7.30 -0.41
C TRP A 58 6.64 7.50 1.03
N VAL A 59 6.33 6.59 1.95
CA VAL A 59 6.53 6.85 3.39
C VAL A 59 8.01 6.93 3.73
N SER A 60 8.43 8.05 4.31
CA SER A 60 9.80 8.31 4.80
C SER A 60 10.77 8.34 3.61
N CYS A 61 10.27 8.75 2.43
CA CYS A 61 11.09 8.91 1.21
C CYS A 61 11.01 10.37 0.77
N PHE A 62 11.85 10.75 -0.17
CA PHE A 62 11.70 12.06 -0.83
C PHE A 62 12.28 11.99 -2.22
N ALA A 63 11.95 13.00 -3.01
CA ALA A 63 12.47 13.18 -4.36
C ALA A 63 13.07 14.58 -4.47
N ALA A 64 14.04 14.78 -5.36
CA ALA A 64 14.78 16.07 -5.33
C ALA A 64 15.56 16.25 -6.62
N GLU A 65 15.83 17.51 -6.90
CA GLU A 65 16.98 17.91 -7.75
C GLU A 65 18.17 17.93 -6.79
N ALA A 66 19.18 17.12 -7.03
CA ALA A 66 20.40 17.01 -6.21
C ALA A 66 21.55 17.81 -6.81
N ALA A 67 22.27 18.53 -5.95
CA ALA A 67 23.56 19.16 -6.28
C ALA A 67 24.56 18.66 -5.25
N TYR A 68 25.68 18.12 -5.73
CA TYR A 68 26.74 17.60 -4.85
C TYR A 68 27.97 18.51 -4.87
N LYS A 69 28.53 18.78 -3.71
CA LYS A 69 29.77 19.58 -3.53
C LYS A 69 30.67 18.90 -2.48
N PHE A 70 31.93 18.70 -2.84
CA PHE A 70 32.95 18.09 -1.95
C PHE A 70 33.38 19.14 -0.93
N GLN A 71 33.52 18.75 0.33
CA GLN A 71 33.94 19.62 1.47
C GLN A 71 35.09 18.89 2.18
N SER A 72 36.29 19.49 2.20
CA SER A 72 37.50 18.91 2.83
C SER A 72 37.15 18.50 4.27
N GLY A 73 37.49 17.26 4.64
CA GLY A 73 37.31 16.74 6.01
C GLY A 73 35.88 16.36 6.34
N THR A 74 34.98 16.27 5.34
CA THR A 74 33.58 15.78 5.49
C THR A 74 33.35 14.69 4.43
N GLY A 75 33.45 15.08 3.16
CA GLY A 75 33.17 14.23 1.98
C GLY A 75 32.20 14.94 1.07
N GLU A 76 31.34 14.19 0.37
CA GLU A 76 30.36 14.78 -0.59
C GLU A 76 29.17 15.31 0.19
N VAL A 77 28.81 16.56 -0.04
CA VAL A 77 27.62 17.20 0.59
C VAL A 77 26.58 17.38 -0.49
N ALA A 78 25.38 16.84 -0.24
CA ALA A 78 24.24 16.91 -1.16
C ALA A 78 23.31 18.02 -0.68
N THR A 79 22.99 18.93 -1.60
CA THR A 79 21.89 19.89 -1.44
C THR A 79 20.77 19.34 -2.30
N PHE A 80 19.67 19.00 -1.64
CA PHE A 80 18.48 18.46 -2.33
C PHE A 80 17.40 19.54 -2.35
N THR A 81 17.01 19.96 -3.54
CA THR A 81 15.90 20.87 -3.79
C THR A 81 14.65 20.01 -4.04
N LEU A 82 13.79 19.93 -3.02
CA LEU A 82 12.76 18.87 -3.02
C LEU A 82 11.72 19.10 -4.09
N ILE A 83 11.18 18.01 -4.60
CA ILE A 83 9.97 17.98 -5.45
C ILE A 83 8.99 16.99 -4.80
N GLU A 84 7.74 16.95 -5.25
CA GLU A 84 6.86 15.87 -4.71
C GLU A 84 7.33 14.58 -5.38
N GLN A 85 7.02 13.42 -4.81
CA GLN A 85 7.60 12.14 -5.27
C GLN A 85 6.98 11.72 -6.61
N ASP A 86 5.92 12.38 -7.07
CA ASP A 86 5.37 12.11 -8.44
C ASP A 86 6.06 13.02 -9.46
N GLY A 87 7.05 13.79 -9.05
CA GLY A 87 7.83 14.67 -9.91
C GLY A 87 7.18 16.01 -10.06
N SER A 88 6.05 16.24 -9.41
CA SER A 88 5.37 17.56 -9.47
C SER A 88 6.05 18.57 -8.53
N ALA A 89 5.85 19.86 -8.82
CA ALA A 89 6.54 20.94 -8.10
C ALA A 89 6.04 20.93 -6.66
N TYR A 90 6.99 21.10 -5.75
CA TYR A 90 6.72 21.26 -4.33
C TYR A 90 6.54 22.76 -4.08
N VAL A 91 5.47 23.13 -3.41
CA VAL A 91 5.23 24.55 -3.00
C VAL A 91 4.94 24.56 -1.53
N PRO A 92 5.67 25.36 -0.72
CA PRO A 92 5.42 25.47 0.70
C PRO A 92 3.95 25.86 0.91
N GLY A 93 3.26 25.03 1.70
CA GLY A 93 1.80 25.13 1.85
C GLY A 93 1.34 24.92 3.28
N ASP A 94 0.30 24.10 3.41
CA ASP A 94 -0.40 23.83 4.68
C ASP A 94 0.06 22.53 5.35
N ARG A 95 1.26 22.05 4.99
CA ARG A 95 1.88 20.89 5.65
C ARG A 95 3.38 21.17 5.73
N ALA A 96 4.07 20.42 6.56
CA ALA A 96 5.44 20.73 7.01
C ALA A 96 6.49 20.45 5.92
N ALA A 97 6.17 19.70 4.86
CA ALA A 97 7.14 19.09 3.95
C ALA A 97 6.42 18.47 2.77
N PRO A 98 7.17 17.99 1.76
CA PRO A 98 6.59 17.16 0.72
C PRO A 98 5.92 15.94 1.32
N LEU A 99 4.93 15.41 0.60
CA LEU A 99 4.19 14.21 1.02
C LEU A 99 5.18 13.10 1.33
N GLY A 100 4.99 12.46 2.46
CA GLY A 100 5.78 11.30 2.87
C GLY A 100 7.12 11.60 3.51
N TYR A 101 7.52 12.86 3.57
CA TYR A 101 8.82 13.21 4.18
C TYR A 101 8.88 12.65 5.59
N PRO A 102 10.05 12.16 6.08
CA PRO A 102 10.14 11.65 7.43
C PRO A 102 9.60 12.59 8.50
N ASP A 103 8.91 12.03 9.49
CA ASP A 103 8.25 12.81 10.59
C ASP A 103 8.84 12.45 11.95
N PHE A 104 10.07 11.98 11.96
CA PHE A 104 10.78 11.59 13.19
C PHE A 104 12.20 12.18 13.12
N SER A 105 12.96 11.94 14.19
N SER A 105 12.96 11.92 14.18
CA SER A 105 14.30 12.55 14.39
CA SER A 105 14.29 12.55 14.36
C SER A 105 15.38 11.50 14.54
C SER A 105 15.39 11.48 14.38
N GLY A 106 16.63 11.92 14.28
CA GLY A 106 17.79 11.05 14.23
C GLY A 106 18.57 11.25 12.96
N GLN A 107 19.57 10.40 12.75
CA GLN A 107 20.41 10.40 11.56
C GLN A 107 19.94 9.27 10.67
N LEU A 108 19.32 9.62 9.57
CA LEU A 108 18.72 8.65 8.63
C LEU A 108 19.73 8.31 7.54
N GLU A 109 20.03 7.04 7.40
CA GLU A 109 20.76 6.56 6.22
C GLU A 109 19.78 6.53 5.06
N ILE A 110 20.09 7.20 3.97
CA ILE A 110 19.25 7.20 2.75
C ILE A 110 20.05 6.64 1.59
N GLU A 111 19.37 5.87 0.78
CA GLU A 111 19.90 5.42 -0.50
C GLU A 111 19.29 6.30 -1.57
N VAL A 112 20.18 6.97 -2.31
CA VAL A 112 19.81 7.95 -3.35
C VAL A 112 20.12 7.35 -4.70
N GLN A 113 19.13 7.35 -5.59
CA GLN A 113 19.27 6.77 -6.94
C GLN A 113 18.78 7.78 -7.98
N THR A 114 19.48 7.81 -9.10
CA THR A 114 19.04 8.52 -10.32
C THR A 114 17.55 8.28 -10.52
N GLU A 115 16.78 9.32 -10.86
CA GLU A 115 15.36 9.15 -11.26
C GLU A 115 15.25 8.11 -12.38
N THR A 116 14.27 7.21 -12.29
CA THR A 116 13.97 6.20 -13.32
C THR A 116 12.82 6.70 -14.19
N THR A 117 13.06 6.96 -15.49
CA THR A 117 12.05 7.55 -16.42
C THR A 117 11.77 6.60 -17.59
N LYS A 118 12.71 5.73 -17.95
CA LYS A 118 12.50 4.78 -19.07
C LYS A 118 13.58 3.69 -19.03
N THR A 119 13.31 2.58 -19.68
CA THR A 119 14.26 1.45 -19.76
C THR A 119 15.54 2.00 -20.37
N GLY A 120 16.68 1.67 -19.78
CA GLY A 120 18.01 2.04 -20.33
C GLY A 120 18.58 3.29 -19.69
N ASP A 121 17.79 4.04 -18.90
CA ASP A 121 18.35 5.18 -18.12
C ASP A 121 19.49 4.62 -17.27
N LYS A 122 20.66 5.23 -17.33
CA LYS A 122 21.83 4.84 -16.51
C LYS A 122 21.58 5.32 -15.07
N LEU A 123 21.78 4.46 -14.07
CA LEU A 123 21.48 4.78 -12.66
C LEU A 123 22.76 4.73 -11.83
N LYS A 124 22.92 5.68 -10.93
CA LYS A 124 23.98 5.70 -9.91
C LYS A 124 23.27 5.68 -8.56
N VAL A 125 23.77 4.88 -7.65
CA VAL A 125 23.19 4.74 -6.29
C VAL A 125 24.25 5.17 -5.32
N THR A 126 23.94 6.07 -4.39
CA THR A 126 24.91 6.51 -3.36
C THR A 126 24.16 6.53 -2.05
N THR A 127 24.81 6.10 -0.96
CA THR A 127 24.22 6.13 0.40
C THR A 127 24.75 7.35 1.13
N PHE A 128 23.84 8.16 1.68
CA PHE A 128 24.16 9.38 2.45
C PHE A 128 23.65 9.24 3.89
N GLU A 129 24.18 10.07 4.78
CA GLU A 129 23.68 10.26 6.14
C GLU A 129 22.97 11.60 6.15
N MET A 130 21.75 11.62 6.65
CA MET A 130 20.90 12.81 6.70
C MET A 130 20.49 13.05 8.14
N ILE A 131 21.00 14.13 8.75
CA ILE A 131 20.60 14.50 10.12
C ILE A 131 19.25 15.21 10.06
N LEU A 132 18.21 14.55 10.57
CA LEU A 132 16.81 15.09 10.42
C LEU A 132 16.59 16.25 11.38
N GLY A 133 17.31 16.30 12.49
CA GLY A 133 17.28 17.43 13.44
C GLY A 133 16.08 17.19 14.35
N PRO A 134 15.65 18.13 15.24
CA PRO A 134 16.39 19.37 15.52
C PRO A 134 17.73 19.12 16.23
N THR A 135 18.76 19.82 15.81
CA THR A 135 20.07 19.90 16.49
C THR A 135 20.45 21.38 16.54
N THR A 136 21.26 21.83 17.53
CA THR A 136 21.72 23.25 17.65
C THR A 136 22.44 23.63 16.35
N ASN A 137 23.09 22.67 15.69
CA ASN A 137 23.70 22.83 14.34
C ASN A 137 22.99 21.89 13.35
N ALA A 138 21.73 22.18 13.02
CA ALA A 138 20.97 21.66 11.87
C ALA A 138 20.21 22.83 11.23
N ASP A 139 20.31 22.92 9.91
CA ASP A 139 19.69 23.98 9.06
C ASP A 139 18.88 23.27 7.96
N GLN A 140 18.19 22.21 8.34
CA GLN A 140 17.26 21.54 7.40
C GLN A 140 16.05 22.45 7.21
N ALA A 141 15.50 22.49 6.00
CA ALA A 141 14.28 23.29 5.72
C ALA A 141 13.44 22.59 4.66
N PRO A 142 13.00 21.33 4.91
CA PRO A 142 12.13 20.69 3.93
C PRO A 142 10.85 21.47 3.65
N TYR A 143 10.36 22.25 4.61
CA TYR A 143 9.16 23.08 4.39
C TYR A 143 9.46 24.04 3.23
N GLN A 144 10.67 24.62 3.23
CA GLN A 144 11.06 25.51 2.10
C GLN A 144 11.56 24.74 0.90
N GLY A 145 11.71 23.41 0.97
CA GLY A 145 12.11 22.65 -0.21
C GLY A 145 13.61 22.40 -0.26
N ARG A 146 14.33 22.54 0.84
CA ARG A 146 15.81 22.49 0.87
C ARG A 146 16.30 21.63 2.03
N VAL A 147 16.95 20.51 1.73
CA VAL A 147 17.60 19.67 2.77
C VAL A 147 19.00 19.25 2.29
N PHE A 148 19.74 18.70 3.23
CA PHE A 148 21.19 18.42 3.07
C PHE A 148 21.48 17.01 3.58
N ALA A 149 22.43 16.34 2.96
CA ALA A 149 22.96 15.08 3.50
C ALA A 149 24.45 15.02 3.13
N SER A 150 25.19 14.07 3.71
CA SER A 150 26.64 13.96 3.43
C SER A 150 27.06 12.51 3.40
N VAL A 151 28.15 12.23 2.68
CA VAL A 151 28.77 10.87 2.70
C VAL A 151 30.28 11.08 2.90
N THR A 152 30.86 10.41 3.91
CA THR A 152 32.33 10.40 4.18
C THR A 152 33.05 9.94 2.93
N ALA A 153 34.02 10.73 2.46
CA ALA A 153 34.78 10.39 1.24
C ALA A 153 36.16 11.06 1.31
N ALA A 154 37.22 10.31 1.04
CA ALA A 154 38.61 10.84 1.04
C ALA A 154 38.77 11.81 -0.14
N ALA A 155 38.19 11.46 -1.29
CA ALA A 155 38.22 12.24 -2.54
C ALA A 155 36.80 12.37 -3.11
N SER A 156 36.61 13.21 -4.12
CA SER A 156 35.37 13.33 -4.92
C SER A 156 34.87 11.94 -5.32
N LEU A 157 33.55 11.70 -5.33
CA LEU A 157 32.95 10.42 -5.78
C LEU A 157 32.44 10.55 -7.23
N ASP A 158 32.69 11.69 -7.90
CA ASP A 158 32.21 11.98 -9.29
C ASP A 158 30.71 11.73 -9.41
N LEU A 159 29.96 12.30 -8.49
CA LEU A 159 28.48 12.23 -8.53
C LEU A 159 27.99 13.19 -9.60
N VAL A 160 26.83 12.88 -10.15
CA VAL A 160 26.20 13.63 -11.25
C VAL A 160 24.98 14.31 -10.66
N ASP A 161 24.90 15.63 -10.82
CA ASP A 161 23.76 16.46 -10.39
C ASP A 161 22.56 16.08 -11.24
N GLY A 162 21.36 16.03 -10.65
CA GLY A 162 20.14 15.73 -11.40
C GLY A 162 19.03 15.27 -10.47
N ARG A 163 17.96 14.78 -11.05
CA ARG A 163 16.77 14.35 -10.26
C ARG A 163 17.06 12.97 -9.68
N VAL A 164 16.66 12.81 -8.43
CA VAL A 164 16.95 11.60 -7.64
C VAL A 164 15.69 11.23 -6.84
N ARG A 165 15.70 10.01 -6.34
CA ARG A 165 14.76 9.55 -5.32
C ARG A 165 15.57 8.96 -4.17
N ALA A 166 15.16 9.27 -2.95
CA ALA A 166 15.83 8.86 -1.72
C ALA A 166 14.88 7.97 -0.90
N VAL A 167 15.38 6.80 -0.52
CA VAL A 167 14.63 5.82 0.32
C VAL A 167 15.42 5.60 1.61
N PRO A 168 14.70 5.31 2.70
CA PRO A 168 15.33 5.12 3.99
C PRO A 168 15.94 3.73 4.14
N ARG A 169 17.06 3.64 4.85
CA ARG A 169 17.78 2.34 5.00
C ARG A 169 17.96 1.98 6.49
N SER A 170 18.26 2.94 7.35
CA SER A 170 18.50 2.71 8.78
C SER A 170 18.39 4.02 9.51
N ILE A 171 18.35 3.95 10.80
CA ILE A 171 18.28 5.16 11.68
C ILE A 171 19.37 5.02 12.72
N TYR A 172 19.91 6.14 13.17
CA TYR A 172 20.92 6.25 14.24
C TYR A 172 20.42 7.32 15.20
N GLY A 173 20.32 7.03 16.48
CA GLY A 173 19.84 8.00 17.49
C GLY A 173 18.38 8.38 17.25
N PHE A 174 17.57 7.38 16.88
CA PHE A 174 16.11 7.60 16.67
C PHE A 174 15.54 8.34 17.87
N GLN A 175 14.73 9.36 17.60
CA GLN A 175 13.81 9.91 18.60
C GLN A 175 12.48 10.18 17.92
N ASP A 176 11.41 9.76 18.56
CA ASP A 176 10.07 9.93 17.93
C ASP A 176 9.51 11.32 18.27
N THR A 177 10.07 12.28 17.63
CA THR A 177 9.67 13.70 17.70
C THR A 177 9.94 14.30 16.34
N ILE A 178 9.19 15.35 16.00
CA ILE A 178 9.27 15.87 14.62
C ILE A 178 10.68 16.39 14.34
N PRO A 179 11.10 16.28 13.07
CA PRO A 179 12.40 16.73 12.61
C PRO A 179 12.39 18.25 12.53
N GLU A 180 13.52 18.76 12.08
CA GLU A 180 13.69 20.21 11.83
C GLU A 180 13.02 20.50 10.49
N TYR A 181 11.83 21.11 10.44
CA TYR A 181 11.17 21.28 9.13
C TYR A 181 11.51 22.61 8.43
N ASN A 182 12.01 23.58 9.17
CA ASN A 182 12.02 24.97 8.63
C ASN A 182 13.09 25.81 9.35
N ASP A 183 14.30 25.30 9.48
CA ASP A 183 15.43 26.15 9.93
C ASP A 183 15.18 26.71 11.33
N GLY A 184 14.49 25.99 12.22
CA GLY A 184 14.15 26.44 13.58
C GLY A 184 12.92 27.35 13.65
N LEU A 185 12.30 27.72 12.52
CA LEU A 185 11.08 28.57 12.51
C LEU A 185 9.84 27.69 12.60
N LEU A 186 8.69 28.33 12.76
CA LEU A 186 7.36 27.66 12.89
C LEU A 186 6.98 27.12 11.53
N VAL A 187 6.15 26.09 11.51
CA VAL A 187 5.74 25.42 10.26
C VAL A 187 4.32 24.89 10.48
N PRO A 188 3.47 24.82 9.46
CA PRO A 188 2.15 24.21 9.62
C PRO A 188 2.30 22.70 9.92
N LEU A 189 1.59 22.23 10.90
CA LEU A 189 1.64 20.82 11.36
C LEU A 189 0.24 20.32 11.51
N ALA A 190 0.05 19.03 11.26
CA ALA A 190 -1.11 18.34 11.84
C ALA A 190 -0.99 18.48 13.34
N PRO A 191 -2.11 18.72 14.03
CA PRO A 191 -2.08 18.92 15.49
C PRO A 191 -1.74 17.61 16.19
N PRO A 192 -1.31 17.68 17.46
CA PRO A 192 -1.05 16.45 18.19
C PRO A 192 -2.29 15.55 18.13
N ILE A 193 -2.00 14.26 18.15
CA ILE A 193 -3.04 13.22 18.26
C ILE A 193 -3.75 13.42 19.61
N GLY A 194 -5.07 13.44 19.57
CA GLY A 194 -5.93 13.70 20.72
C GLY A 194 -6.90 14.81 20.36
N PRO A 195 -7.73 15.25 21.33
CA PRO A 195 -7.63 14.78 22.72
C PRO A 195 -8.36 13.45 22.99
N PHE A 196 -8.08 12.94 24.18
CA PHE A 196 -8.62 11.68 24.72
C PHE A 196 -9.55 11.99 25.88
N LEU A 197 -10.63 11.22 26.02
CA LEU A 197 -11.40 11.25 27.28
C LEU A 197 -10.53 10.76 28.42
N PRO A 198 -10.86 11.17 29.66
CA PRO A 198 -10.22 10.54 30.80
C PRO A 198 -10.28 9.00 30.71
N GLY A 199 -9.12 8.37 30.90
CA GLY A 199 -8.95 6.91 30.83
C GLY A 199 -8.76 6.37 29.42
N GLU A 200 -8.77 7.21 28.41
CA GLU A 200 -8.55 6.73 27.02
C GLU A 200 -7.06 6.90 26.69
N VAL A 201 -6.52 5.95 25.92
CA VAL A 201 -5.11 6.00 25.43
C VAL A 201 -5.09 5.58 23.96
N LEU A 202 -4.03 5.99 23.27
CA LEU A 202 -3.87 5.77 21.83
C LEU A 202 -3.60 4.28 21.52
N LEU A 203 -4.34 3.73 20.54
CA LEU A 203 -3.99 2.42 19.96
C LEU A 203 -2.86 2.61 18.94
N ARG A 204 -1.85 1.78 19.02
CA ARG A 204 -0.61 1.89 18.24
C ARG A 204 -0.42 0.70 17.31
N PHE A 205 -0.14 0.98 16.06
CA PHE A 205 0.28 0.00 15.06
C PHE A 205 1.80 0.12 14.96
N ARG A 206 2.49 -0.99 15.21
CA ARG A 206 3.94 -0.95 15.45
C ARG A 206 4.68 -1.65 14.30
N THR A 207 5.77 -1.07 13.87
CA THR A 207 6.78 -1.82 13.07
C THR A 207 8.16 -1.54 13.70
N TYR A 208 9.20 -2.03 13.04
CA TYR A 208 10.60 -1.97 13.56
C TYR A 208 11.49 -1.44 12.48
N MET A 209 12.29 -0.47 12.90
CA MET A 209 13.36 0.09 12.08
C MET A 209 14.69 -0.63 12.41
N ARG A 210 15.52 -0.70 11.40
CA ARG A 210 16.93 -1.08 11.61
C ARG A 210 17.63 0.14 12.21
N GLN A 211 18.06 0.03 13.46
CA GLN A 211 18.80 1.11 14.15
C GLN A 211 20.24 0.61 14.29
N ILE A 212 21.15 1.42 13.78
CA ILE A 212 22.60 1.08 13.76
C ILE A 212 23.32 1.86 14.86
N ASP A 213 24.44 1.28 15.27
CA ASP A 213 25.49 1.88 16.13
C ASP A 213 26.82 1.55 15.43
N THR A 214 27.97 1.75 16.07
CA THR A 214 29.29 1.64 15.39
C THR A 214 29.44 0.27 14.71
N ALA A 215 29.22 -0.83 15.47
CA ALA A 215 29.50 -2.22 15.06
C ALA A 215 28.26 -3.12 15.15
N ASP A 216 27.08 -2.55 15.39
CA ASP A 216 25.88 -3.34 15.78
C ASP A 216 24.63 -2.80 15.07
N ALA A 217 23.59 -3.62 14.98
CA ALA A 217 22.26 -3.10 14.57
C ALA A 217 21.20 -3.82 15.37
N ALA A 218 20.11 -3.13 15.66
CA ALA A 218 19.05 -3.65 16.53
C ALA A 218 17.74 -3.09 16.05
N ALA A 219 16.68 -3.83 16.29
CA ALA A 219 15.31 -3.38 15.95
C ALA A 219 14.93 -2.22 16.87
N GLU A 220 14.23 -1.21 16.35
CA GLU A 220 13.69 -0.09 17.16
C GLU A 220 12.22 0.13 16.77
N ALA A 221 11.33 0.10 17.73
CA ALA A 221 9.86 0.25 17.50
C ALA A 221 9.57 1.64 16.93
N ILE A 222 8.63 1.71 16.01
CA ILE A 222 7.98 2.99 15.59
C ILE A 222 6.50 2.69 15.44
N ASP A 223 5.70 3.58 15.98
CA ASP A 223 4.22 3.46 16.05
C ASP A 223 3.58 4.39 15.03
N CYS A 224 2.39 4.02 14.55
CA CYS A 224 1.52 4.93 13.78
C CYS A 224 0.07 4.70 14.22
N ALA A 225 -0.78 5.66 13.88
CA ALA A 225 -2.17 5.71 14.37
C ALA A 225 -3.09 4.79 13.54
N LEU A 226 -2.75 4.64 12.29
CA LEU A 226 -3.53 3.78 11.36
C LEU A 226 -2.55 3.11 10.42
N PRO A 227 -2.87 1.88 9.98
CA PRO A 227 -2.10 1.29 8.89
C PRO A 227 -2.35 2.03 7.58
N GLN A 228 -1.42 1.93 6.65
CA GLN A 228 -1.49 2.69 5.38
C GLN A 228 -2.74 2.22 4.61
N GLU A 229 -3.16 0.97 4.76
CA GLU A 229 -4.41 0.51 4.07
C GLU A 229 -5.65 1.27 4.57
N PHE A 230 -5.69 1.70 5.84
CA PHE A 230 -6.81 2.49 6.34
C PHE A 230 -6.67 3.92 5.86
N VAL A 231 -5.46 4.43 5.76
CA VAL A 231 -5.21 5.78 5.19
C VAL A 231 -5.77 5.81 3.77
N SER A 232 -5.35 4.87 2.92
CA SER A 232 -5.76 4.88 1.50
C SER A 232 -7.27 4.58 1.42
N TRP A 233 -7.80 3.80 2.33
CA TRP A 233 -9.25 3.52 2.35
C TRP A 233 -10.07 4.81 2.57
N PHE A 234 -9.72 5.58 3.58
CA PHE A 234 -10.50 6.81 3.89
C PHE A 234 -10.32 7.81 2.76
N ALA A 235 -9.11 7.97 2.24
CA ALA A 235 -8.82 8.94 1.16
C ALA A 235 -9.55 8.55 -0.13
N SER A 236 -9.86 7.28 -0.31
CA SER A 236 -10.49 6.73 -1.53
C SER A 236 -12.01 6.85 -1.43
N ASN A 237 -12.54 7.00 -0.23
CA ASN A 237 -13.99 7.00 0.03
C ASN A 237 -14.38 8.46 0.26
N ALA A 238 -15.64 8.84 0.23
CA ALA A 238 -15.89 10.24 0.69
C ALA A 238 -17.00 10.15 1.71
N PHE A 239 -16.71 9.51 2.85
CA PHE A 239 -17.80 9.20 3.78
C PHE A 239 -18.38 10.51 4.32
N THR A 240 -19.68 10.47 4.48
CA THR A 240 -20.47 11.53 5.14
C THR A 240 -20.26 11.38 6.64
N VAL A 241 -19.69 12.40 7.27
CA VAL A 241 -19.49 12.40 8.73
C VAL A 241 -20.85 12.64 9.40
N GLN A 242 -21.27 11.81 10.35
CA GLN A 242 -22.60 11.92 11.01
C GLN A 242 -22.45 12.22 12.48
N SER A 243 -21.28 12.01 13.07
CA SER A 243 -21.05 12.29 14.50
C SER A 243 -19.56 12.54 14.70
N GLU A 244 -19.04 12.36 15.91
CA GLU A 244 -17.65 12.81 16.23
C GLU A 244 -16.66 11.64 16.22
N ALA A 245 -17.16 10.42 16.28
CA ALA A 245 -16.32 9.23 16.31
C ALA A 245 -17.10 8.00 15.85
N LEU A 246 -16.37 6.93 15.59
CA LEU A 246 -16.94 5.61 15.20
C LEU A 246 -16.59 4.64 16.30
N LEU A 247 -17.59 3.97 16.82
CA LEU A 247 -17.37 2.86 17.78
C LEU A 247 -16.98 1.64 16.95
N LEU A 248 -15.82 1.03 17.26
CA LEU A 248 -15.30 -0.16 16.56
C LEU A 248 -15.23 -1.28 17.57
N ARG A 249 -15.27 -2.50 17.06
CA ARG A 249 -14.91 -3.66 17.88
C ARG A 249 -13.76 -4.37 17.17
N TYR A 250 -12.76 -4.76 17.94
CA TYR A 250 -11.67 -5.60 17.46
C TYR A 250 -11.99 -7.02 17.89
N ARG A 251 -12.14 -7.90 16.90
N ARG A 251 -12.16 -7.91 16.91
CA ARG A 251 -12.68 -9.27 17.10
CA ARG A 251 -12.64 -9.28 17.19
C ARG A 251 -11.68 -10.32 16.61
C ARG A 251 -11.66 -10.31 16.63
N ASN A 252 -11.57 -11.45 17.31
CA ASN A 252 -11.01 -12.71 16.75
C ASN A 252 -11.70 -13.01 15.40
N THR A 253 -10.96 -13.21 14.32
CA THR A 253 -11.58 -13.32 12.96
C THR A 253 -12.43 -14.62 12.88
N LEU A 254 -11.95 -15.72 13.43
CA LEU A 254 -12.73 -16.99 13.41
C LEU A 254 -13.95 -16.87 14.32
N THR A 255 -13.70 -16.83 15.63
CA THR A 255 -14.69 -17.00 16.73
C THR A 255 -15.59 -15.77 16.80
N GLY A 256 -15.12 -14.58 16.37
CA GLY A 256 -15.89 -13.34 16.57
C GLY A 256 -15.84 -12.87 18.01
N GLN A 257 -15.07 -13.55 18.88
CA GLN A 257 -14.92 -13.16 20.30
C GLN A 257 -14.37 -11.72 20.34
N LEU A 258 -14.98 -10.86 21.13
CA LEU A 258 -14.55 -9.44 21.28
C LEU A 258 -13.24 -9.36 22.05
N LEU A 259 -12.23 -8.70 21.47
CA LEU A 259 -11.00 -8.39 22.23
C LEU A 259 -11.16 -7.03 22.94
N PHE A 260 -11.66 -6.03 22.24
CA PHE A 260 -11.95 -4.73 22.89
C PHE A 260 -12.86 -3.94 21.97
N GLU A 261 -13.53 -2.97 22.59
CA GLU A 261 -14.20 -1.91 21.82
C GLU A 261 -13.31 -0.65 21.90
N CYS A 262 -13.41 0.17 20.87
CA CYS A 262 -12.56 1.37 20.75
C CYS A 262 -13.29 2.43 19.98
N LYS A 263 -12.77 3.65 20.03
CA LYS A 263 -13.33 4.79 19.28
C LYS A 263 -12.31 5.23 18.24
N LEU A 264 -12.73 5.19 16.99
CA LEU A 264 -12.04 5.91 15.90
C LEU A 264 -12.58 7.33 15.88
N TYR A 265 -11.80 8.25 16.41
CA TYR A 265 -12.17 9.70 16.30
C TYR A 265 -12.08 10.10 14.85
N ASN A 266 -12.95 11.04 14.45
CA ASN A 266 -12.99 11.51 13.05
C ASN A 266 -11.60 11.98 12.57
N GLU A 267 -10.77 12.49 13.46
CA GLU A 267 -9.48 13.08 13.07
C GLU A 267 -8.41 11.99 12.94
N GLY A 268 -8.78 10.73 13.02
CA GLY A 268 -7.96 9.62 12.48
C GLY A 268 -7.12 8.89 13.48
N TYR A 269 -7.51 8.82 14.74
CA TYR A 269 -6.79 8.05 15.74
C TYR A 269 -7.78 7.25 16.54
N ILE A 270 -7.32 6.10 17.02
CA ILE A 270 -8.17 5.17 17.81
C ILE A 270 -7.80 5.22 19.29
N ALA A 271 -8.82 5.25 20.12
CA ALA A 271 -8.71 5.25 21.57
C ALA A 271 -9.31 3.97 22.16
N LEU A 272 -8.64 3.44 23.17
CA LEU A 272 -9.14 2.40 24.09
C LEU A 272 -9.22 2.98 25.49
N SER A 273 -10.11 2.42 26.29
CA SER A 273 -10.19 2.76 27.72
C SER A 273 -9.33 1.76 28.47
N TYR A 274 -8.18 2.23 28.95
CA TYR A 274 -7.16 1.35 29.56
C TYR A 274 -6.42 2.18 30.60
N SER A 275 -6.39 1.73 31.84
CA SER A 275 -5.70 2.48 32.91
C SER A 275 -4.61 1.62 33.55
N GLY A 276 -4.12 0.57 32.89
CA GLY A 276 -2.91 -0.12 33.36
C GLY A 276 -1.73 0.82 33.24
N SER A 277 -0.64 0.49 33.88
CA SER A 277 0.60 1.30 33.84
C SER A 277 1.58 0.63 32.89
N GLY A 278 1.39 -0.67 32.62
CA GLY A 278 2.25 -1.38 31.67
C GLY A 278 1.66 -1.46 30.27
N PRO A 279 2.50 -1.77 29.26
CA PRO A 279 2.09 -1.98 27.87
C PRO A 279 1.16 -3.20 27.83
N LEU A 280 0.14 -3.10 26.97
CA LEU A 280 -0.81 -4.21 26.75
C LEU A 280 -0.78 -4.47 25.26
N THR A 281 -0.27 -5.62 24.85
CA THR A 281 -0.18 -6.03 23.44
C THR A 281 -1.42 -6.85 23.09
N PHE A 282 -1.76 -6.78 21.81
CA PHE A 282 -2.93 -7.48 21.25
C PHE A 282 -2.48 -8.41 20.17
N PRO A 283 -3.25 -9.49 19.95
CA PRO A 283 -3.04 -10.30 18.76
C PRO A 283 -3.27 -9.44 17.52
N THR A 284 -2.47 -9.68 16.48
CA THR A 284 -2.50 -8.92 15.23
C THR A 284 -3.35 -9.61 14.14
N ASP A 285 -4.01 -10.70 14.51
CA ASP A 285 -4.84 -11.49 13.58
C ASP A 285 -6.32 -11.25 13.85
N GLY A 286 -6.70 -10.16 14.51
CA GLY A 286 -8.11 -9.78 14.60
C GLY A 286 -8.51 -8.84 13.48
N ILE A 287 -9.77 -8.45 13.48
CA ILE A 287 -10.27 -7.44 12.51
C ILE A 287 -11.13 -6.44 13.26
N PHE A 288 -11.20 -5.24 12.71
CA PHE A 288 -12.02 -4.12 13.21
C PHE A 288 -13.34 -4.11 12.44
N GLU A 289 -14.39 -4.03 13.19
CA GLU A 289 -15.78 -3.85 12.68
C GLU A 289 -16.29 -2.48 13.12
N VAL A 290 -16.87 -1.72 12.21
CA VAL A 290 -17.57 -0.46 12.58
C VAL A 290 -18.94 -0.82 13.14
N VAL A 291 -19.25 -0.37 14.37
CA VAL A 291 -20.55 -0.62 15.03
C VAL A 291 -21.49 0.55 14.75
N SER A 292 -21.08 1.78 15.03
CA SER A 292 -21.97 2.96 14.86
C SER A 292 -21.20 4.25 15.03
N TRP A 293 -21.83 5.34 14.60
CA TRP A 293 -21.37 6.71 14.92
C TRP A 293 -21.66 6.95 16.38
N VAL A 294 -20.75 7.61 17.11
CA VAL A 294 -20.98 7.90 18.55
C VAL A 294 -20.39 9.29 18.78
N PRO A 295 -20.89 9.99 19.81
CA PRO A 295 -20.31 11.27 20.19
C PRO A 295 -18.96 11.13 20.88
N ARG A 296 -18.29 12.27 20.98
N ARG A 296 -18.23 12.24 21.00
CA ARG A 296 -16.96 12.42 21.63
CA ARG A 296 -16.89 12.23 21.65
C ARG A 296 -17.01 11.87 23.06
C ARG A 296 -17.04 11.72 23.08
N LEU A 297 -18.15 12.06 23.75
CA LEU A 297 -18.28 11.73 25.18
C LEU A 297 -18.63 10.26 25.39
N TYR A 298 -18.80 9.48 24.33
CA TYR A 298 -19.19 8.06 24.51
C TYR A 298 -18.15 7.33 25.36
N GLN A 299 -18.59 6.69 26.44
CA GLN A 299 -17.70 6.02 27.41
C GLN A 299 -17.50 4.56 27.00
N LEU A 300 -16.27 4.19 26.66
CA LEU A 300 -15.93 2.81 26.29
C LEU A 300 -15.87 1.94 27.54
N ALA A 301 -16.12 0.64 27.36
CA ALA A 301 -15.79 -0.43 28.31
C ALA A 301 -14.26 -0.54 28.44
N SER A 302 -13.74 -0.65 29.65
CA SER A 302 -12.33 -0.92 30.00
C SER A 302 -11.85 -2.18 29.30
N VAL A 303 -10.61 -2.18 28.85
CA VAL A 303 -10.07 -3.41 28.20
C VAL A 303 -9.91 -4.51 29.26
N GLY A 304 -10.67 -5.60 29.11
CA GLY A 304 -10.70 -6.79 30.00
C GLY A 304 -12.09 -7.02 30.61
N SER A 305 -13.00 -6.05 30.47
CA SER A 305 -14.41 -6.10 30.94
C SER A 305 -15.34 -6.40 29.75
N ARG B 1 -23.49 -2.20 -3.74
CA ARG B 1 -23.65 -0.96 -4.57
C ARG B 1 -22.97 -1.17 -5.94
N MET B 2 -23.21 -0.26 -6.88
CA MET B 2 -22.50 -0.24 -8.19
C MET B 2 -20.98 -0.27 -7.93
N VAL B 3 -20.22 -1.02 -8.70
CA VAL B 3 -18.73 -0.97 -8.64
C VAL B 3 -18.33 0.50 -8.83
N ASP B 4 -17.38 0.99 -8.04
CA ASP B 4 -16.72 2.28 -8.34
C ASP B 4 -15.22 2.09 -8.09
N LEU B 5 -14.45 3.09 -8.49
CA LEU B 5 -12.98 3.10 -8.39
C LEU B 5 -12.56 4.32 -7.59
N PRO B 6 -11.45 4.21 -6.83
CA PRO B 6 -10.87 5.39 -6.19
C PRO B 6 -10.52 6.42 -7.28
N VAL B 7 -10.73 7.69 -6.94
CA VAL B 7 -10.39 8.82 -7.84
C VAL B 7 -8.97 9.23 -7.48
N ILE B 8 -8.04 8.30 -7.65
CA ILE B 8 -6.60 8.52 -7.40
C ILE B 8 -5.87 8.37 -8.72
N GLN B 9 -4.96 9.27 -9.00
CA GLN B 9 -4.15 9.23 -10.22
C GLN B 9 -3.14 8.08 -10.12
N PRO B 10 -2.87 7.40 -11.23
CA PRO B 10 -1.78 6.39 -11.25
C PRO B 10 -0.44 6.89 -10.68
N ARG B 11 -0.01 8.13 -10.94
N ARG B 11 -0.09 8.17 -10.93
CA ARG B 11 1.32 8.63 -10.52
CA ARG B 11 1.16 8.89 -10.54
C ARG B 11 1.38 8.74 -8.99
C ARG B 11 1.33 8.81 -9.01
N LEU B 12 0.25 8.60 -8.28
CA LEU B 12 0.25 8.61 -6.80
C LEU B 12 0.20 7.18 -6.26
N CYS B 13 0.19 6.18 -7.14
CA CYS B 13 -0.04 4.78 -6.69
C CYS B 13 1.26 4.00 -6.55
N THR B 14 1.10 2.84 -5.92
CA THR B 14 2.16 1.85 -5.69
C THR B 14 2.10 0.75 -6.74
N HIS B 15 3.25 0.28 -7.21
CA HIS B 15 3.29 -0.81 -8.19
C HIS B 15 2.96 -2.14 -7.50
N ALA B 16 2.38 -3.10 -8.22
CA ALA B 16 1.89 -4.36 -7.65
C ALA B 16 2.85 -5.53 -7.94
N ARG B 17 3.91 -5.35 -8.68
CA ARG B 17 4.83 -6.48 -9.00
C ARG B 17 6.28 -6.18 -8.61
N TRP B 18 6.68 -4.93 -8.46
CA TRP B 18 7.98 -4.51 -7.90
C TRP B 18 7.69 -3.38 -6.92
N PRO B 19 8.29 -3.37 -5.70
CA PRO B 19 7.90 -2.45 -4.63
C PRO B 19 8.49 -1.06 -4.83
N ALA B 20 7.81 -0.28 -5.66
CA ALA B 20 8.23 1.06 -6.05
C ALA B 20 6.98 1.81 -6.51
N PRO B 21 7.06 3.14 -6.68
CA PRO B 21 5.97 3.90 -7.27
C PRO B 21 5.63 3.47 -8.70
N VAL B 22 4.39 3.71 -9.09
CA VAL B 22 3.98 3.67 -10.52
C VAL B 22 4.56 4.92 -11.19
N TYR B 23 5.27 4.73 -12.30
CA TYR B 23 5.89 5.84 -13.07
C TYR B 23 5.20 6.01 -14.42
N GLY B 24 4.60 4.96 -14.95
CA GLY B 24 4.12 4.96 -16.33
C GLY B 24 2.80 4.27 -16.51
N LEU B 25 2.11 4.67 -17.58
CA LEU B 25 0.83 4.04 -17.98
C LEU B 25 0.89 3.92 -19.50
N LEU B 26 0.77 2.73 -20.05
CA LEU B 26 0.93 2.56 -21.52
C LEU B 26 0.21 1.33 -22.04
N VAL B 27 0.10 1.29 -23.36
CA VAL B 27 -0.18 0.03 -24.10
C VAL B 27 0.99 -0.21 -25.03
N ASP B 28 1.26 -1.46 -25.34
CA ASP B 28 2.38 -1.82 -26.24
C ASP B 28 2.01 -3.13 -26.93
N PRO B 29 1.36 -3.07 -28.11
CA PRO B 29 0.99 -4.29 -28.85
C PRO B 29 2.16 -5.17 -29.27
N SER B 30 3.40 -4.71 -29.18
CA SER B 30 4.56 -5.53 -29.57
C SER B 30 4.90 -6.55 -28.47
N LEU B 31 4.35 -6.41 -27.26
CA LEU B 31 4.74 -7.22 -26.07
C LEU B 31 3.87 -8.45 -26.00
N PRO B 32 4.25 -9.49 -25.21
CA PRO B 32 3.35 -10.61 -24.95
C PRO B 32 1.95 -10.11 -24.56
N SER B 33 0.92 -10.59 -25.26
N SER B 33 0.93 -10.60 -25.26
CA SER B 33 -0.48 -10.12 -25.12
CA SER B 33 -0.48 -10.15 -25.13
C SER B 33 -1.15 -10.68 -23.84
C SER B 33 -1.13 -10.68 -23.85
N ASN B 34 -0.73 -11.86 -23.37
CA ASN B 34 -1.46 -12.61 -22.31
C ASN B 34 -0.45 -13.02 -21.24
N PRO B 35 0.18 -12.06 -20.55
CA PRO B 35 1.14 -12.40 -19.49
C PRO B 35 0.42 -13.18 -18.37
N GLN B 36 1.21 -14.01 -17.68
CA GLN B 36 0.67 -14.90 -16.63
C GLN B 36 1.25 -14.42 -15.30
N TRP B 37 1.20 -13.11 -15.10
CA TRP B 37 1.56 -12.50 -13.79
C TRP B 37 0.79 -13.15 -12.66
N GLN B 38 1.44 -13.37 -11.53
CA GLN B 38 0.86 -13.94 -10.32
C GLN B 38 0.66 -12.89 -9.22
N ASN B 39 1.37 -11.77 -9.26
CA ASN B 39 1.10 -10.64 -8.34
C ASN B 39 0.35 -9.54 -9.12
N GLY B 40 -0.29 -8.64 -8.39
CA GLY B 40 -1.06 -7.55 -9.03
C GLY B 40 -2.34 -8.10 -9.67
N ARG B 41 -2.85 -9.21 -9.20
CA ARG B 41 -4.02 -9.90 -9.79
C ARG B 41 -5.16 -9.93 -8.78
N VAL B 42 -6.32 -9.40 -9.16
CA VAL B 42 -7.52 -9.41 -8.31
C VAL B 42 -8.74 -9.53 -9.18
N HIS B 43 -9.72 -10.23 -8.68
CA HIS B 43 -11.05 -10.31 -9.32
C HIS B 43 -11.88 -9.12 -8.83
N VAL B 44 -12.66 -8.52 -9.72
CA VAL B 44 -13.58 -7.45 -9.31
C VAL B 44 -14.51 -7.92 -8.18
N ASP B 45 -14.74 -9.25 -8.02
CA ASP B 45 -15.61 -9.73 -6.92
C ASP B 45 -14.89 -9.69 -5.55
N GLY B 46 -13.62 -9.30 -5.51
CA GLY B 46 -12.90 -9.08 -4.25
C GLY B 46 -11.89 -10.17 -3.94
N THR B 47 -11.68 -11.13 -4.83
CA THR B 47 -10.76 -12.27 -4.61
C THR B 47 -9.38 -11.90 -5.14
N LEU B 48 -8.37 -11.92 -4.27
CA LEU B 48 -6.99 -11.79 -4.69
C LEU B 48 -6.65 -13.06 -5.48
N LEU B 49 -5.98 -12.88 -6.60
CA LEU B 49 -5.65 -14.01 -7.51
C LEU B 49 -4.17 -14.30 -7.42
N GLY B 50 -3.81 -15.53 -7.75
CA GLY B 50 -2.39 -15.89 -7.76
C GLY B 50 -1.77 -15.69 -6.36
N THR B 51 -0.58 -15.13 -6.34
CA THR B 51 0.19 -14.91 -5.08
C THR B 51 -0.04 -13.48 -4.57
N THR B 52 -0.99 -12.78 -5.16
CA THR B 52 -1.15 -11.34 -4.85
C THR B 52 -1.42 -11.12 -3.37
N PRO B 53 -0.64 -10.24 -2.72
CA PRO B 53 -0.91 -9.83 -1.34
C PRO B 53 -1.75 -8.55 -1.33
N ILE B 54 -2.32 -8.27 -0.19
CA ILE B 54 -3.08 -7.02 -0.03
C ILE B 54 -2.11 -5.88 0.26
N SER B 55 -1.00 -6.13 0.94
CA SER B 55 0.03 -5.11 1.26
C SER B 55 1.05 -4.95 0.13
N GLY B 56 1.28 -3.72 -0.32
CA GLY B 56 2.41 -3.43 -1.22
C GLY B 56 3.76 -3.82 -0.64
N SER B 57 3.91 -3.79 0.69
CA SER B 57 5.22 -4.10 1.34
C SER B 57 5.60 -5.58 1.17
N TRP B 58 4.64 -6.44 0.79
CA TRP B 58 4.92 -7.88 0.59
C TRP B 58 5.40 -8.18 -0.83
N VAL B 59 5.30 -7.23 -1.74
CA VAL B 59 5.51 -7.50 -3.19
C VAL B 59 7.00 -7.77 -3.45
N SER B 60 7.26 -8.94 -4.05
CA SER B 60 8.56 -9.46 -4.50
C SER B 60 9.48 -9.69 -3.29
N CYS B 61 8.87 -9.94 -2.14
CA CYS B 61 9.58 -10.26 -0.88
C CYS B 61 9.30 -11.71 -0.47
N PHE B 62 10.01 -12.19 0.54
CA PHE B 62 9.67 -13.49 1.17
C PHE B 62 10.25 -13.50 2.58
N ALA B 63 9.75 -14.42 3.36
CA ALA B 63 10.19 -14.66 4.73
C ALA B 63 10.54 -16.15 4.83
N ALA B 64 11.45 -16.49 5.74
CA ALA B 64 11.97 -17.87 5.79
C ALA B 64 12.75 -18.13 7.05
N GLU B 65 13.01 -19.43 7.25
CA GLU B 65 14.12 -19.92 8.11
C GLU B 65 15.33 -20.12 7.21
N ALA B 66 16.45 -19.49 7.50
CA ALA B 66 17.69 -19.50 6.71
C ALA B 66 18.72 -20.44 7.36
N ALA B 67 19.33 -21.30 6.54
CA ALA B 67 20.47 -22.13 6.97
C ALA B 67 21.41 -22.26 5.77
N TYR B 68 22.56 -22.94 5.94
CA TYR B 68 23.63 -22.92 4.92
C TYR B 68 24.04 -24.36 4.66
N LYS B 69 24.44 -24.64 3.43
CA LYS B 69 25.00 -25.97 3.09
C LYS B 69 25.80 -25.87 1.81
N PHE B 70 26.57 -26.92 1.58
CA PHE B 70 27.22 -27.16 0.27
C PHE B 70 26.16 -27.82 -0.61
N GLN B 71 25.95 -27.28 -1.79
CA GLN B 71 25.04 -27.90 -2.78
C GLN B 71 25.85 -28.51 -3.94
N SER B 72 25.71 -29.82 -4.17
CA SER B 72 26.21 -30.56 -5.38
C SER B 72 26.12 -29.69 -6.63
N GLY B 73 27.23 -29.49 -7.31
CA GLY B 73 27.27 -28.85 -8.64
C GLY B 73 27.28 -27.34 -8.57
N THR B 74 26.91 -26.75 -7.42
CA THR B 74 26.72 -25.28 -7.28
C THR B 74 27.77 -24.68 -6.35
N GLY B 75 27.97 -25.27 -5.16
CA GLY B 75 28.83 -24.66 -4.13
C GLY B 75 28.04 -24.31 -2.87
N GLU B 76 28.56 -23.39 -2.07
CA GLU B 76 27.99 -22.91 -0.79
C GLU B 76 26.74 -22.12 -1.14
N VAL B 77 25.63 -22.52 -0.57
CA VAL B 77 24.35 -21.73 -0.69
C VAL B 77 23.76 -21.51 0.68
N ALA B 78 22.80 -20.59 0.77
CA ALA B 78 21.80 -20.56 1.84
C ALA B 78 20.54 -21.26 1.34
N THR B 79 19.88 -22.02 2.21
CA THR B 79 18.55 -22.60 1.99
C THR B 79 17.58 -21.74 2.78
N PHE B 80 16.40 -21.54 2.23
CA PHE B 80 15.31 -20.76 2.84
C PHE B 80 14.10 -21.65 2.88
N THR B 81 13.68 -22.01 4.07
CA THR B 81 12.41 -22.71 4.28
C THR B 81 11.36 -21.63 4.45
N LEU B 82 10.45 -21.48 3.49
CA LEU B 82 9.61 -20.26 3.43
C LEU B 82 8.53 -20.31 4.52
N ILE B 83 8.12 -19.10 4.90
CA ILE B 83 7.03 -18.82 5.84
C ILE B 83 6.23 -17.68 5.18
N GLU B 84 4.97 -17.53 5.48
CA GLU B 84 4.23 -16.33 4.99
C GLU B 84 4.86 -15.11 5.68
N GLN B 85 4.76 -13.94 5.05
CA GLN B 85 5.53 -12.77 5.52
C GLN B 85 4.99 -12.25 6.86
N ASP B 86 3.80 -12.63 7.29
CA ASP B 86 3.29 -12.25 8.65
C ASP B 86 3.78 -13.25 9.71
N GLY B 87 4.61 -14.22 9.32
CA GLY B 87 5.09 -15.25 10.25
C GLY B 87 4.19 -16.47 10.33
N SER B 88 3.07 -16.51 9.64
CA SER B 88 2.13 -17.67 9.64
C SER B 88 2.70 -18.80 8.76
N ALA B 89 2.39 -20.06 9.09
CA ALA B 89 3.00 -21.22 8.41
C ALA B 89 2.67 -21.15 6.92
N TYR B 90 3.63 -21.40 6.06
CA TYR B 90 3.32 -21.58 4.63
C TYR B 90 2.89 -23.03 4.39
N VAL B 91 1.72 -23.20 3.80
CA VAL B 91 1.18 -24.51 3.39
C VAL B 91 0.95 -24.50 1.90
N PRO B 92 1.56 -25.43 1.15
CA PRO B 92 1.34 -25.48 -0.30
C PRO B 92 -0.17 -25.63 -0.57
N GLY B 93 -0.71 -24.79 -1.47
CA GLY B 93 -2.17 -24.73 -1.61
C GLY B 93 -2.61 -24.39 -2.99
N ASP B 94 -3.50 -23.39 -3.11
CA ASP B 94 -4.16 -23.04 -4.40
C ASP B 94 -3.45 -21.87 -5.09
N ARG B 95 -2.19 -21.64 -4.81
CA ARG B 95 -1.38 -20.60 -5.47
C ARG B 95 0.07 -21.08 -5.50
N ALA B 96 0.89 -20.47 -6.30
CA ALA B 96 2.19 -21.03 -6.74
C ALA B 96 3.28 -20.93 -5.64
N ALA B 97 3.08 -20.11 -4.59
CA ALA B 97 4.16 -19.66 -3.69
C ALA B 97 3.51 -18.88 -2.55
N PRO B 98 4.28 -18.52 -1.51
CA PRO B 98 3.80 -17.61 -0.48
C PRO B 98 3.33 -16.30 -1.13
N LEU B 99 2.43 -15.63 -0.43
CA LEU B 99 1.94 -14.33 -0.91
C LEU B 99 3.13 -13.42 -1.17
N GLY B 100 3.10 -12.77 -2.34
CA GLY B 100 4.04 -11.72 -2.72
C GLY B 100 5.31 -12.26 -3.30
N TYR B 101 5.50 -13.60 -3.33
CA TYR B 101 6.76 -14.17 -3.87
C TYR B 101 6.96 -13.66 -5.31
N PRO B 102 8.19 -13.37 -5.75
CA PRO B 102 8.42 -12.90 -7.12
C PRO B 102 7.81 -13.79 -8.20
N ASP B 103 7.26 -13.16 -9.25
CA ASP B 103 6.54 -13.84 -10.35
C ASP B 103 7.24 -13.56 -11.69
N PHE B 104 8.53 -13.32 -11.67
CA PHE B 104 9.32 -13.06 -12.89
C PHE B 104 10.59 -13.90 -12.78
N SER B 105 11.44 -13.76 -13.79
CA SER B 105 12.69 -14.54 -13.92
C SER B 105 13.90 -13.62 -13.99
N GLY B 106 15.06 -14.21 -13.75
CA GLY B 106 16.30 -13.46 -13.71
C GLY B 106 17.06 -13.81 -12.46
N GLN B 107 18.18 -13.13 -12.24
N GLN B 107 18.13 -13.07 -12.21
CA GLN B 107 18.98 -13.27 -11.00
CA GLN B 107 18.98 -13.24 -11.02
C GLN B 107 18.66 -12.07 -10.11
C GLN B 107 18.68 -12.06 -10.10
N LEU B 108 17.95 -12.34 -9.02
CA LEU B 108 17.44 -11.31 -8.10
C LEU B 108 18.46 -11.14 -6.97
N GLU B 109 18.90 -9.92 -6.78
CA GLU B 109 19.68 -9.55 -5.60
C GLU B 109 18.68 -9.36 -4.45
N ILE B 110 18.88 -10.05 -3.34
CA ILE B 110 17.98 -9.94 -2.17
C ILE B 110 18.83 -9.52 -0.99
N GLU B 111 18.24 -8.69 -0.14
CA GLU B 111 18.85 -8.28 1.14
C GLU B 111 18.08 -8.97 2.24
N VAL B 112 18.78 -9.78 3.04
CA VAL B 112 18.10 -10.68 4.00
C VAL B 112 18.50 -10.24 5.40
N GLN B 113 17.51 -9.93 6.21
CA GLN B 113 17.74 -9.39 7.56
C GLN B 113 17.06 -10.33 8.56
N THR B 114 17.66 -10.49 9.73
CA THR B 114 17.03 -11.10 10.90
C THR B 114 15.61 -10.57 11.05
N GLU B 115 14.65 -11.43 11.35
CA GLU B 115 13.25 -11.01 11.67
C GLU B 115 13.24 -9.98 12.81
N THR B 116 12.42 -8.95 12.69
CA THR B 116 12.27 -7.95 13.77
C THR B 116 11.00 -8.28 14.56
N THR B 117 11.11 -8.57 15.86
CA THR B 117 9.97 -8.97 16.70
C THR B 117 9.75 -7.97 17.83
N LYS B 118 10.80 -7.29 18.29
CA LYS B 118 10.69 -6.40 19.47
C LYS B 118 11.89 -5.48 19.49
N THR B 119 11.76 -4.35 20.17
CA THR B 119 12.87 -3.41 20.31
C THR B 119 14.07 -4.14 20.96
N GLY B 120 15.25 -3.97 20.40
CA GLY B 120 16.50 -4.54 20.96
C GLY B 120 16.89 -5.85 20.32
N ASP B 121 16.03 -6.49 19.51
CA ASP B 121 16.46 -7.67 18.72
C ASP B 121 17.72 -7.29 17.93
N LYS B 122 18.81 -8.05 18.11
CA LYS B 122 20.03 -7.85 17.31
C LYS B 122 19.83 -8.31 15.88
N LEU B 123 20.24 -7.50 14.91
CA LEU B 123 19.92 -7.81 13.50
C LEU B 123 21.19 -8.04 12.72
N LYS B 124 21.22 -9.11 11.94
CA LYS B 124 22.25 -9.28 10.91
C LYS B 124 21.63 -9.07 9.54
N VAL B 125 22.46 -8.68 8.58
N VAL B 125 22.47 -8.79 8.55
CA VAL B 125 22.05 -8.48 7.16
CA VAL B 125 21.99 -8.55 7.18
C VAL B 125 23.09 -9.12 6.27
C VAL B 125 23.06 -9.03 6.20
N THR B 126 22.66 -9.87 5.27
CA THR B 126 23.51 -10.49 4.27
C THR B 126 22.84 -10.31 2.92
N THR B 127 23.63 -10.11 1.89
CA THR B 127 23.09 -9.98 0.51
C THR B 127 23.33 -11.27 -0.25
N PHE B 128 22.35 -11.70 -1.03
CA PHE B 128 22.40 -12.97 -1.81
C PHE B 128 21.93 -12.68 -3.23
N GLU B 129 22.26 -13.61 -4.12
CA GLU B 129 21.73 -13.65 -5.50
C GLU B 129 20.95 -14.94 -5.64
N MET B 130 19.69 -14.82 -6.04
CA MET B 130 18.74 -15.94 -6.13
C MET B 130 18.36 -16.09 -7.60
N ILE B 131 18.56 -17.29 -8.15
CA ILE B 131 18.17 -17.54 -9.56
C ILE B 131 16.71 -17.92 -9.55
N LEU B 132 15.88 -17.04 -10.14
CA LEU B 132 14.49 -17.32 -10.49
C LEU B 132 14.57 -17.79 -11.96
N GLY B 133 14.07 -18.94 -12.33
CA GLY B 133 14.05 -19.17 -13.78
C GLY B 133 13.59 -20.57 -14.14
N PRO B 134 13.93 -21.06 -15.36
CA PRO B 134 13.62 -22.41 -15.79
C PRO B 134 14.60 -23.38 -15.11
N THR B 135 14.82 -23.20 -13.81
CA THR B 135 15.66 -24.04 -12.92
C THR B 135 15.04 -25.44 -12.87
N THR B 136 15.92 -26.44 -12.73
CA THR B 136 15.59 -27.88 -12.56
C THR B 136 16.36 -28.31 -11.31
N ASN B 137 16.35 -27.47 -10.28
CA ASN B 137 17.12 -27.67 -9.03
C ASN B 137 16.11 -28.02 -7.94
N ALA B 138 16.21 -29.22 -7.33
CA ALA B 138 15.26 -29.76 -6.32
C ALA B 138 15.21 -28.84 -5.08
N ASP B 139 16.31 -28.12 -4.79
CA ASP B 139 16.37 -27.09 -3.72
C ASP B 139 15.56 -25.84 -4.11
N GLN B 140 15.21 -25.61 -5.40
CA GLN B 140 14.41 -24.41 -5.88
C GLN B 140 12.95 -24.76 -6.25
N ALA B 141 12.04 -24.58 -5.29
CA ALA B 141 10.67 -25.10 -5.30
C ALA B 141 9.83 -24.28 -4.34
N PRO B 142 9.64 -22.99 -4.64
CA PRO B 142 8.87 -22.15 -3.72
C PRO B 142 7.47 -22.68 -3.46
N TYR B 143 6.83 -23.39 -4.40
CA TYR B 143 5.51 -23.98 -4.13
C TYR B 143 5.56 -24.93 -2.92
N GLN B 144 6.63 -25.71 -2.82
CA GLN B 144 6.83 -26.69 -1.70
C GLN B 144 7.42 -25.97 -0.48
N GLY B 145 7.76 -24.69 -0.61
CA GLY B 145 8.31 -23.90 0.50
C GLY B 145 9.80 -23.94 0.64
N ARG B 146 10.55 -24.18 -0.43
CA ARG B 146 12.03 -24.11 -0.29
C ARG B 146 12.64 -23.44 -1.49
N VAL B 147 13.59 -22.54 -1.23
CA VAL B 147 14.42 -21.90 -2.27
C VAL B 147 15.84 -21.81 -1.74
N PHE B 148 16.77 -21.42 -2.60
CA PHE B 148 18.18 -21.24 -2.22
C PHE B 148 18.76 -20.07 -2.98
N ALA B 149 19.83 -19.56 -2.42
CA ALA B 149 20.54 -18.43 -3.01
C ALA B 149 22.02 -18.51 -2.67
N SER B 150 22.84 -17.77 -3.41
CA SER B 150 24.29 -17.65 -3.18
C SER B 150 24.64 -16.37 -2.43
N VAL B 151 25.59 -16.40 -1.49
CA VAL B 151 25.99 -15.14 -0.80
C VAL B 151 26.79 -14.24 -1.76
N THR B 152 26.50 -12.95 -1.83
CA THR B 152 27.26 -12.02 -2.72
C THR B 152 27.85 -10.84 -1.97
N ALA B 153 27.38 -10.50 -0.77
CA ALA B 153 28.01 -9.45 0.07
C ALA B 153 27.70 -9.77 1.53
N ALA B 154 28.72 -9.62 2.37
CA ALA B 154 28.63 -9.92 3.82
C ALA B 154 29.35 -8.80 4.56
N ALA B 155 28.80 -8.32 5.67
CA ALA B 155 29.37 -7.25 6.51
C ALA B 155 30.47 -7.82 7.41
N SER B 156 30.49 -9.13 7.61
CA SER B 156 31.32 -9.81 8.63
C SER B 156 31.31 -11.31 8.34
N LEU B 157 32.05 -12.06 9.14
CA LEU B 157 32.12 -13.53 9.01
C LEU B 157 30.94 -14.15 9.76
N ASP B 158 29.99 -13.34 10.28
CA ASP B 158 28.81 -13.83 11.05
C ASP B 158 27.55 -13.56 10.18
N LEU B 159 27.14 -14.50 9.36
CA LEU B 159 26.09 -14.21 8.34
C LEU B 159 24.70 -14.33 8.97
N VAL B 160 23.70 -13.78 8.30
CA VAL B 160 22.31 -13.87 8.80
C VAL B 160 21.87 -15.33 8.86
N ASP B 161 21.01 -15.69 9.82
CA ASP B 161 20.50 -17.06 9.98
C ASP B 161 19.18 -17.05 10.72
N GLY B 162 18.54 -18.20 10.81
CA GLY B 162 17.27 -18.35 11.50
C GLY B 162 16.17 -17.60 10.78
N ARG B 163 15.22 -17.08 11.52
CA ARG B 163 14.03 -16.43 10.89
C ARG B 163 14.46 -15.09 10.30
N VAL B 164 14.14 -14.90 9.02
CA VAL B 164 14.62 -13.75 8.22
C VAL B 164 13.51 -13.23 7.30
N ARG B 165 13.75 -12.01 6.83
CA ARG B 165 12.95 -11.37 5.79
C ARG B 165 13.86 -10.98 4.64
N ALA B 166 13.38 -11.27 3.43
CA ALA B 166 14.14 -11.00 2.20
C ALA B 166 13.41 -9.92 1.42
N VAL B 167 14.17 -8.89 1.00
CA VAL B 167 13.63 -7.81 0.14
C VAL B 167 14.47 -7.71 -1.13
N PRO B 168 13.83 -7.32 -2.25
CA PRO B 168 14.51 -7.23 -3.53
C PRO B 168 15.34 -5.96 -3.63
N ARG B 169 16.52 -6.07 -4.24
CA ARG B 169 17.42 -4.91 -4.41
C ARG B 169 17.67 -4.59 -5.89
N SER B 170 17.87 -5.59 -6.72
CA SER B 170 18.29 -5.38 -8.13
C SER B 170 18.08 -6.67 -8.88
N ILE B 171 18.12 -6.59 -10.21
CA ILE B 171 17.81 -7.75 -11.07
C ILE B 171 18.95 -7.79 -12.11
N TYR B 172 19.28 -8.99 -12.54
CA TYR B 172 20.24 -9.23 -13.63
C TYR B 172 19.56 -10.23 -14.57
N GLY B 173 19.58 -10.01 -15.89
CA GLY B 173 18.97 -10.93 -16.86
C GLY B 173 17.49 -11.06 -16.65
N PHE B 174 16.84 -9.95 -16.33
CA PHE B 174 15.38 -9.94 -16.16
C PHE B 174 14.70 -10.51 -17.41
N GLN B 175 13.77 -11.39 -17.16
CA GLN B 175 12.80 -11.86 -18.16
C GLN B 175 11.46 -11.92 -17.49
N ASP B 176 10.48 -11.29 -18.09
CA ASP B 176 9.12 -11.28 -17.53
C ASP B 176 8.41 -12.53 -17.99
N THR B 177 8.77 -13.64 -17.39
CA THR B 177 8.09 -14.92 -17.52
C THR B 177 8.09 -15.58 -16.14
N ILE B 178 7.12 -16.40 -15.85
CA ILE B 178 7.02 -16.92 -14.44
C ILE B 178 8.26 -17.77 -14.15
N PRO B 179 8.72 -17.74 -12.88
CA PRO B 179 9.84 -18.59 -12.46
C PRO B 179 9.41 -20.05 -12.41
N GLU B 180 10.36 -20.93 -12.11
CA GLU B 180 10.01 -22.35 -11.86
C GLU B 180 9.60 -22.43 -10.39
N TYR B 181 8.33 -22.71 -10.17
CA TYR B 181 7.74 -22.70 -8.82
C TYR B 181 7.80 -24.10 -8.17
N ASN B 182 7.76 -25.19 -8.97
CA ASN B 182 7.52 -26.54 -8.38
C ASN B 182 8.40 -27.62 -9.04
N ASP B 183 9.65 -27.24 -9.29
CA ASP B 183 10.77 -28.11 -9.73
C ASP B 183 10.34 -28.92 -10.97
N GLY B 184 9.71 -28.27 -11.95
CA GLY B 184 9.23 -28.90 -13.20
C GLY B 184 7.96 -29.73 -13.03
N LEU B 185 7.24 -29.66 -11.91
CA LEU B 185 5.91 -30.33 -11.78
C LEU B 185 4.79 -29.29 -11.99
N LEU B 186 3.54 -29.72 -12.17
CA LEU B 186 2.38 -28.79 -12.37
C LEU B 186 2.27 -27.97 -11.09
N VAL B 187 1.85 -26.71 -11.18
CA VAL B 187 1.67 -25.85 -9.99
C VAL B 187 0.40 -25.02 -10.19
N PRO B 188 -0.41 -24.79 -9.14
CA PRO B 188 -1.57 -23.90 -9.25
C PRO B 188 -1.10 -22.47 -9.59
N LEU B 189 -1.71 -21.91 -10.65
CA LEU B 189 -1.39 -20.55 -11.15
C LEU B 189 -2.69 -19.83 -11.41
N ALA B 190 -2.69 -18.52 -11.23
CA ALA B 190 -3.71 -17.70 -11.90
C ALA B 190 -3.50 -17.87 -13.41
N PRO B 191 -4.60 -17.96 -14.17
CA PRO B 191 -4.47 -18.15 -15.62
C PRO B 191 -3.88 -16.92 -16.29
N PRO B 192 -3.42 -17.08 -17.54
CA PRO B 192 -2.98 -15.93 -18.33
C PRO B 192 -4.07 -14.86 -18.39
N ILE B 193 -3.60 -13.62 -18.36
CA ILE B 193 -4.48 -12.43 -18.53
C ILE B 193 -5.05 -12.51 -19.95
N GLY B 194 -6.34 -12.32 -20.05
CA GLY B 194 -7.08 -12.45 -21.32
C GLY B 194 -8.34 -13.21 -21.03
N PRO B 195 -9.20 -13.40 -22.06
CA PRO B 195 -8.89 -12.98 -23.42
C PRO B 195 -9.29 -11.53 -23.73
N PHE B 196 -8.78 -11.07 -24.87
CA PHE B 196 -9.05 -9.73 -25.47
C PHE B 196 -9.87 -9.89 -26.74
N LEU B 197 -10.78 -8.96 -27.00
CA LEU B 197 -11.38 -8.87 -28.37
C LEU B 197 -10.29 -8.56 -29.38
N PRO B 198 -10.55 -8.85 -30.68
CA PRO B 198 -9.66 -8.35 -31.73
C PRO B 198 -9.47 -6.82 -31.62
N GLY B 199 -8.24 -6.37 -31.68
CA GLY B 199 -7.91 -4.93 -31.60
C GLY B 199 -7.73 -4.44 -30.16
N GLU B 200 -7.99 -5.29 -29.15
CA GLU B 200 -7.87 -4.90 -27.72
C GLU B 200 -6.51 -5.31 -27.22
N VAL B 201 -5.92 -4.48 -26.36
CA VAL B 201 -4.55 -4.69 -25.84
C VAL B 201 -4.57 -4.32 -24.36
N LEU B 202 -3.66 -4.95 -23.60
CA LEU B 202 -3.59 -4.76 -22.14
C LEU B 202 -3.09 -3.35 -21.78
N LEU B 203 -3.78 -2.72 -20.84
CA LEU B 203 -3.29 -1.51 -20.16
C LEU B 203 -2.24 -1.91 -19.11
N ARG B 204 -1.11 -1.26 -19.19
CA ARG B 204 0.06 -1.54 -18.33
C ARG B 204 0.34 -0.38 -17.41
N PHE B 205 0.52 -0.70 -16.13
CA PHE B 205 1.06 0.23 -15.11
C PHE B 205 2.52 -0.13 -14.88
N ARG B 206 3.41 0.82 -15.09
CA ARG B 206 4.85 0.55 -15.26
C ARG B 206 5.66 1.14 -14.12
N THR B 207 6.62 0.37 -13.60
CA THR B 207 7.68 0.89 -12.77
C THR B 207 9.03 0.43 -13.35
N TYR B 208 10.10 0.77 -12.65
CA TYR B 208 11.49 0.51 -13.08
C TYR B 208 12.26 -0.19 -11.98
N MET B 209 12.91 -1.29 -12.37
CA MET B 209 13.87 -2.02 -11.50
C MET B 209 15.29 -1.55 -11.80
N ARG B 210 16.14 -1.58 -10.78
CA ARG B 210 17.59 -1.39 -10.96
C ARG B 210 18.16 -2.69 -11.54
N GLN B 211 18.55 -2.66 -12.81
CA GLN B 211 19.11 -3.84 -13.52
C GLN B 211 20.62 -3.62 -13.58
N ILE B 212 21.39 -4.56 -13.06
CA ILE B 212 22.86 -4.41 -12.95
C ILE B 212 23.47 -5.21 -14.12
N ASP B 213 24.62 -4.77 -14.59
CA ASP B 213 25.48 -5.56 -15.52
C ASP B 213 26.92 -5.22 -15.11
N THR B 214 27.54 -6.15 -14.37
CA THR B 214 28.86 -6.04 -13.66
C THR B 214 29.10 -4.58 -13.24
N ALA B 215 29.44 -3.66 -14.15
CA ALA B 215 29.84 -2.26 -13.85
C ALA B 215 28.61 -1.32 -13.77
N ASP B 216 27.83 -1.21 -14.84
CA ASP B 216 26.80 -0.14 -15.02
C ASP B 216 25.38 -0.65 -14.72
N ALA B 217 24.62 0.13 -13.93
CA ALA B 217 23.20 -0.12 -13.60
C ALA B 217 22.31 0.70 -14.56
N ALA B 218 21.21 0.10 -15.01
CA ALA B 218 20.19 0.77 -15.85
C ALA B 218 18.78 0.46 -15.36
N ALA B 219 17.85 1.35 -15.66
CA ALA B 219 16.43 1.12 -15.38
C ALA B 219 15.90 0.02 -16.28
N GLU B 220 15.11 -0.88 -15.73
CA GLU B 220 14.38 -1.89 -16.53
C GLU B 220 12.90 -1.85 -16.20
N ALA B 221 12.05 -1.72 -17.21
CA ALA B 221 10.58 -1.66 -17.01
C ALA B 221 10.01 -2.98 -16.51
N ILE B 222 9.04 -2.88 -15.63
CA ILE B 222 8.16 -4.01 -15.28
C ILE B 222 6.74 -3.47 -15.16
N ASP B 223 5.80 -4.20 -15.76
CA ASP B 223 4.39 -3.79 -15.86
C ASP B 223 3.56 -4.58 -14.87
N CYS B 224 2.41 -4.06 -14.50
CA CYS B 224 1.38 -4.82 -13.79
C CYS B 224 -0.01 -4.41 -14.28
N ALA B 225 -1.02 -5.18 -13.95
CA ALA B 225 -2.37 -4.98 -14.53
C ALA B 225 -3.11 -3.88 -13.80
N LEU B 226 -2.86 -3.73 -12.50
CA LEU B 226 -3.53 -2.73 -11.63
C LEU B 226 -2.50 -2.27 -10.63
N PRO B 227 -2.57 -1.00 -10.22
CA PRO B 227 -1.79 -0.55 -9.08
C PRO B 227 -2.27 -1.23 -7.81
N GLN B 228 -1.36 -1.30 -6.84
CA GLN B 228 -1.67 -1.98 -5.57
C GLN B 228 -2.88 -1.34 -4.89
N GLU B 229 -3.10 -0.02 -4.99
CA GLU B 229 -4.25 0.62 -4.31
C GLU B 229 -5.57 0.12 -4.94
N PHE B 230 -5.56 -0.23 -6.23
CA PHE B 230 -6.74 -0.79 -6.93
C PHE B 230 -6.90 -2.25 -6.52
N VAL B 231 -5.80 -2.97 -6.35
CA VAL B 231 -5.86 -4.37 -5.83
C VAL B 231 -6.52 -4.38 -4.46
N SER B 232 -6.05 -3.55 -3.52
CA SER B 232 -6.56 -3.51 -2.13
C SER B 232 -7.99 -2.97 -2.15
N TRP B 233 -8.33 -2.07 -3.09
CA TRP B 233 -9.70 -1.54 -3.19
C TRP B 233 -10.69 -2.68 -3.47
N PHE B 234 -10.42 -3.49 -4.51
CA PHE B 234 -11.35 -4.59 -4.88
C PHE B 234 -11.39 -5.60 -3.75
N ALA B 235 -10.24 -5.91 -3.12
CA ALA B 235 -10.19 -6.91 -2.03
C ALA B 235 -10.95 -6.42 -0.81
N SER B 236 -11.04 -5.10 -0.59
CA SER B 236 -11.70 -4.52 0.59
C SER B 236 -13.21 -4.35 0.35
N ASN B 237 -13.67 -4.55 -0.86
CA ASN B 237 -15.10 -4.34 -1.23
C ASN B 237 -15.66 -5.74 -1.51
N ALA B 238 -16.97 -5.90 -1.52
CA ALA B 238 -17.53 -7.20 -1.96
C ALA B 238 -18.50 -6.87 -3.06
N PHE B 239 -18.00 -6.36 -4.17
CA PHE B 239 -18.91 -5.85 -5.24
C PHE B 239 -19.68 -7.02 -5.88
N THR B 240 -20.93 -6.75 -6.21
CA THR B 240 -21.80 -7.64 -7.02
C THR B 240 -21.37 -7.52 -8.48
N VAL B 241 -21.09 -8.63 -9.13
CA VAL B 241 -20.61 -8.68 -10.53
C VAL B 241 -21.86 -8.87 -11.41
N GLN B 242 -22.23 -7.83 -12.18
CA GLN B 242 -23.54 -7.77 -12.91
C GLN B 242 -23.32 -8.17 -14.36
N SER B 243 -22.09 -8.16 -14.84
CA SER B 243 -21.82 -8.49 -16.25
C SER B 243 -20.36 -8.88 -16.39
N GLU B 244 -19.90 -9.09 -17.63
N GLU B 244 -19.85 -9.02 -17.62
CA GLU B 244 -18.54 -9.58 -17.95
CA GLU B 244 -18.51 -9.60 -17.93
C GLU B 244 -17.50 -8.48 -17.71
C GLU B 244 -17.45 -8.49 -18.11
N ALA B 245 -17.83 -7.21 -18.00
CA ALA B 245 -16.86 -6.10 -18.00
C ALA B 245 -17.48 -4.79 -17.50
N LEU B 246 -16.60 -3.89 -17.06
CA LEU B 246 -16.98 -2.49 -16.74
C LEU B 246 -16.36 -1.57 -17.77
N LEU B 247 -17.20 -0.68 -18.33
CA LEU B 247 -16.73 0.43 -19.17
C LEU B 247 -16.22 1.54 -18.26
N LEU B 248 -14.97 1.92 -18.47
CA LEU B 248 -14.30 3.03 -17.74
C LEU B 248 -13.91 4.11 -18.75
N ARG B 249 -13.77 5.34 -18.24
CA ARG B 249 -13.10 6.43 -18.96
C ARG B 249 -11.91 6.89 -18.12
N TYR B 250 -10.80 7.17 -18.79
CA TYR B 250 -9.60 7.76 -18.19
C TYR B 250 -9.50 9.21 -18.69
N ARG B 251 -9.57 10.14 -17.77
CA ARG B 251 -9.64 11.59 -18.11
C ARG B 251 -8.50 12.34 -17.46
N ASN B 252 -8.05 13.36 -18.18
CA ASN B 252 -7.07 14.34 -17.64
C ASN B 252 -7.66 15.01 -16.39
N THR B 253 -6.93 15.00 -15.27
CA THR B 253 -7.42 15.53 -14.00
C THR B 253 -7.75 17.03 -14.13
N LEU B 254 -6.86 17.73 -14.80
CA LEU B 254 -6.92 19.23 -14.83
C LEU B 254 -7.99 19.70 -15.85
N THR B 255 -8.05 19.11 -17.02
CA THR B 255 -8.87 19.65 -18.14
C THR B 255 -10.14 18.84 -18.35
N GLY B 256 -10.24 17.62 -17.81
CA GLY B 256 -11.38 16.74 -18.14
C GLY B 256 -11.27 16.08 -19.48
N GLN B 257 -10.20 16.30 -20.27
CA GLN B 257 -10.05 15.68 -21.60
C GLN B 257 -10.12 14.14 -21.50
N LEU B 258 -11.00 13.52 -22.26
CA LEU B 258 -11.01 12.04 -22.38
C LEU B 258 -9.71 11.57 -23.02
N LEU B 259 -8.94 10.74 -22.33
CA LEU B 259 -7.69 10.17 -22.90
C LEU B 259 -8.02 8.82 -23.56
N PHE B 260 -8.90 8.04 -22.97
CA PHE B 260 -9.39 6.80 -23.58
C PHE B 260 -10.57 6.26 -22.81
N GLU B 261 -11.39 5.46 -23.52
CA GLU B 261 -12.34 4.55 -22.85
C GLU B 261 -11.72 3.14 -22.85
N CYS B 262 -12.09 2.34 -21.89
CA CYS B 262 -11.45 1.02 -21.71
C CYS B 262 -12.46 0.09 -21.05
N LYS B 263 -12.14 -1.21 -21.02
CA LYS B 263 -12.94 -2.22 -20.35
C LYS B 263 -12.11 -2.86 -19.23
N LEU B 264 -12.62 -2.80 -18.02
CA LEU B 264 -12.09 -3.60 -16.88
C LEU B 264 -12.86 -4.92 -16.89
N TYR B 265 -12.19 -5.95 -17.38
CA TYR B 265 -12.79 -7.30 -17.31
C TYR B 265 -12.84 -7.75 -15.86
N ASN B 266 -13.80 -8.60 -15.56
CA ASN B 266 -14.09 -9.12 -14.21
C ASN B 266 -12.82 -9.70 -13.59
N GLU B 267 -11.94 -10.25 -14.41
CA GLU B 267 -10.76 -10.99 -13.89
C GLU B 267 -9.62 -10.01 -13.60
N GLY B 268 -9.87 -8.69 -13.68
CA GLY B 268 -9.00 -7.66 -13.08
C GLY B 268 -7.95 -7.13 -14.01
N TYR B 269 -8.19 -7.13 -15.32
CA TYR B 269 -7.26 -6.52 -16.30
C TYR B 269 -8.09 -5.56 -17.17
N ILE B 270 -7.41 -4.54 -17.64
CA ILE B 270 -8.02 -3.47 -18.47
C ILE B 270 -7.54 -3.62 -19.90
N ALA B 271 -8.50 -3.44 -20.85
CA ALA B 271 -8.26 -3.48 -22.30
C ALA B 271 -8.61 -2.12 -22.94
N LEU B 272 -7.72 -1.66 -23.81
CA LEU B 272 -7.99 -0.53 -24.74
C LEU B 272 -8.10 -1.11 -26.15
N SER B 273 -8.80 -0.39 -27.04
CA SER B 273 -8.77 -0.69 -28.50
C SER B 273 -7.68 0.14 -29.14
N TYR B 274 -6.59 -0.50 -29.55
CA TYR B 274 -5.41 0.16 -30.13
C TYR B 274 -4.66 -0.80 -31.06
N SER B 275 -4.29 -0.33 -32.26
CA SER B 275 -3.69 -1.18 -33.32
C SER B 275 -2.38 -0.62 -33.88
N GLY B 276 -1.70 0.30 -33.19
CA GLY B 276 -0.34 0.72 -33.55
C GLY B 276 0.66 -0.40 -33.35
N SER B 277 1.87 -0.23 -33.86
CA SER B 277 2.91 -1.30 -33.90
C SER B 277 3.69 -1.29 -32.58
N GLY B 278 3.71 -0.16 -31.88
CA GLY B 278 4.65 0.05 -30.77
C GLY B 278 4.01 0.74 -29.58
N PRO B 279 4.80 1.12 -28.56
CA PRO B 279 4.21 1.64 -27.33
C PRO B 279 3.50 2.98 -27.55
N LEU B 280 2.38 3.15 -26.86
CA LEU B 280 1.67 4.44 -26.71
C LEU B 280 1.54 4.68 -25.20
N THR B 281 2.24 5.68 -24.72
CA THR B 281 2.21 6.07 -23.28
C THR B 281 1.11 7.10 -23.07
N PHE B 282 0.60 7.13 -21.86
CA PHE B 282 -0.46 8.07 -21.45
C PHE B 282 0.02 8.85 -20.23
N PRO B 283 -0.54 10.04 -20.03
CA PRO B 283 -0.31 10.79 -18.81
C PRO B 283 -0.72 9.94 -17.59
N THR B 284 0.10 10.00 -16.54
CA THR B 284 -0.18 9.29 -15.27
C THR B 284 -0.97 10.17 -14.30
N ASP B 285 -1.27 11.39 -14.70
CA ASP B 285 -2.08 12.33 -13.90
C ASP B 285 -3.51 12.40 -14.41
N GLY B 286 -4.09 11.27 -14.70
CA GLY B 286 -5.50 11.17 -15.05
C GLY B 286 -6.21 10.36 -14.01
N ILE B 287 -7.53 10.35 -14.13
N ILE B 287 -7.53 10.25 -14.17
CA ILE B 287 -8.48 9.66 -13.22
CA ILE B 287 -8.46 9.62 -13.20
C ILE B 287 -9.27 8.64 -14.03
C ILE B 287 -9.44 8.71 -13.92
N PHE B 288 -9.59 7.49 -13.41
CA PHE B 288 -10.55 6.51 -13.95
C PHE B 288 -11.92 6.80 -13.35
N GLU B 289 -12.93 6.67 -14.19
CA GLU B 289 -14.33 6.65 -13.72
C GLU B 289 -15.01 5.41 -14.30
N VAL B 290 -15.90 4.82 -13.50
CA VAL B 290 -16.78 3.70 -13.94
C VAL B 290 -17.99 4.28 -14.68
N VAL B 291 -18.23 3.85 -15.91
CA VAL B 291 -19.43 4.28 -16.68
C VAL B 291 -20.57 3.28 -16.45
N SER B 292 -20.33 2.03 -16.78
CA SER B 292 -21.43 1.06 -16.91
C SER B 292 -20.90 -0.37 -16.91
N TRP B 293 -21.72 -1.31 -16.46
CA TRP B 293 -21.54 -2.74 -16.81
C TRP B 293 -21.79 -2.89 -18.31
N VAL B 294 -20.94 -3.64 -19.01
CA VAL B 294 -21.11 -3.96 -20.46
C VAL B 294 -20.74 -5.42 -20.74
N PRO B 295 -21.25 -6.00 -21.85
CA PRO B 295 -20.88 -7.36 -22.22
C PRO B 295 -19.43 -7.47 -22.69
N ARG B 296 -18.92 -8.70 -22.73
N ARG B 296 -18.94 -8.71 -22.63
CA ARG B 296 -17.55 -8.98 -23.22
CA ARG B 296 -17.69 -9.20 -23.27
C ARG B 296 -17.41 -8.46 -24.67
C ARG B 296 -17.46 -8.49 -24.61
N LEU B 297 -18.47 -8.52 -25.48
CA LEU B 297 -18.37 -8.16 -26.92
C LEU B 297 -18.55 -6.66 -27.12
N TYR B 298 -18.70 -5.88 -26.05
CA TYR B 298 -18.78 -4.39 -26.14
C TYR B 298 -17.57 -3.87 -26.91
N GLN B 299 -17.81 -3.16 -28.01
CA GLN B 299 -16.71 -2.68 -28.88
C GLN B 299 -16.32 -1.27 -28.42
N LEU B 300 -15.05 -1.09 -28.06
CA LEU B 300 -14.52 0.21 -27.61
C LEU B 300 -14.17 1.05 -28.84
N ALA B 301 -14.26 2.37 -28.69
CA ALA B 301 -13.63 3.33 -29.61
C ALA B 301 -12.10 3.21 -29.54
N SER B 302 -11.44 3.26 -30.70
CA SER B 302 -9.97 3.30 -30.83
C SER B 302 -9.42 4.52 -30.10
N VAL B 303 -8.25 4.40 -29.50
CA VAL B 303 -7.64 5.55 -28.79
C VAL B 303 -7.54 6.72 -29.77
N GLY B 304 -7.96 7.93 -29.36
CA GLY B 304 -7.93 9.16 -30.16
C GLY B 304 -9.09 9.28 -31.18
N SER B 305 -10.09 8.41 -31.16
CA SER B 305 -11.27 8.59 -32.07
C SER B 305 -12.11 9.79 -31.58
N LEU B 306 -12.83 10.47 -32.47
CA LEU B 306 -13.50 11.78 -32.19
C LEU B 306 -15.03 11.64 -32.22
N GLN C 1 -12.51 17.55 -14.55
CA GLN C 1 -11.83 18.79 -14.02
C GLN C 1 -12.70 19.49 -12.95
N VAL C 2 -12.07 20.42 -12.23
CA VAL C 2 -12.74 21.25 -11.19
C VAL C 2 -12.49 22.69 -11.59
N GLN C 3 -13.56 23.40 -11.95
CA GLN C 3 -13.41 24.83 -12.21
C GLN C 3 -13.56 25.50 -10.83
N LEU C 4 -12.66 26.41 -10.56
CA LEU C 4 -12.64 27.25 -9.35
C LEU C 4 -12.81 28.68 -9.85
N GLN C 5 -13.97 29.25 -9.56
CA GLN C 5 -14.29 30.59 -10.03
C GLN C 5 -14.21 31.55 -8.84
N GLU C 6 -13.24 32.46 -8.88
CA GLU C 6 -13.02 33.53 -7.90
C GLU C 6 -14.05 34.65 -8.17
N SER C 7 -14.47 35.33 -7.12
CA SER C 7 -15.28 36.57 -7.19
C SER C 7 -14.70 37.57 -6.21
N GLY C 8 -14.98 38.85 -6.41
CA GLY C 8 -14.34 39.87 -5.62
C GLY C 8 -13.01 40.17 -6.26
N GLY C 9 -12.37 41.12 -5.64
CA GLY C 9 -11.10 41.67 -6.04
C GLY C 9 -11.30 43.14 -6.21
N GLY C 10 -10.21 43.87 -6.41
CA GLY C 10 -10.22 45.27 -6.81
C GLY C 10 -9.30 46.05 -5.93
N LEU C 11 -9.53 47.36 -5.87
CA LEU C 11 -8.61 48.33 -5.24
C LEU C 11 -9.17 48.66 -3.85
N VAL C 12 -8.30 48.81 -2.86
CA VAL C 12 -8.70 49.20 -1.50
C VAL C 12 -7.54 50.01 -0.90
N GLN C 13 -7.83 50.94 -0.03
CA GLN C 13 -6.82 51.74 0.68
C GLN C 13 -6.17 50.87 1.74
N ALA C 14 -4.90 51.12 2.00
CA ALA C 14 -4.13 50.48 3.08
C ALA C 14 -4.92 50.62 4.38
N GLY C 15 -4.96 49.55 5.18
CA GLY C 15 -5.71 49.52 6.45
C GLY C 15 -7.16 49.09 6.25
N GLY C 16 -7.62 49.01 5.01
CA GLY C 16 -8.98 48.63 4.64
C GLY C 16 -9.15 47.11 4.52
N SER C 17 -10.35 46.71 4.13
CA SER C 17 -10.84 45.32 4.11
C SER C 17 -11.37 45.01 2.73
N LEU C 18 -11.37 43.74 2.40
CA LEU C 18 -11.93 43.23 1.14
C LEU C 18 -12.32 41.77 1.39
N ARG C 19 -13.35 41.29 0.72
CA ARG C 19 -13.77 39.89 0.82
C ARG C 19 -13.68 39.25 -0.57
N LEU C 20 -12.99 38.11 -0.67
CA LEU C 20 -12.96 37.29 -1.90
C LEU C 20 -13.82 36.08 -1.67
N SER C 21 -14.31 35.47 -2.74
CA SER C 21 -14.94 34.15 -2.66
C SER C 21 -14.52 33.29 -3.86
N CYS C 22 -14.70 32.01 -3.68
CA CYS C 22 -14.38 30.98 -4.70
C CYS C 22 -15.40 29.88 -4.62
N ALA C 23 -15.95 29.49 -5.77
CA ALA C 23 -16.93 28.41 -5.87
C ALA C 23 -16.38 27.36 -6.83
N ALA C 24 -16.52 26.11 -6.41
CA ALA C 24 -16.06 24.94 -7.18
C ALA C 24 -17.26 24.39 -7.93
N SER C 25 -16.99 24.00 -9.18
CA SER C 25 -17.91 23.21 -10.03
C SER C 25 -17.09 22.16 -10.79
N GLY C 26 -17.80 21.21 -11.41
CA GLY C 26 -17.21 20.12 -12.19
C GLY C 26 -17.19 18.87 -11.34
N ARG C 27 -16.08 18.10 -11.38
CA ARG C 27 -15.95 16.86 -10.56
C ARG C 27 -15.52 17.25 -9.14
N THR C 28 -16.48 17.72 -8.32
CA THR C 28 -16.23 18.27 -6.96
C THR C 28 -16.15 17.15 -5.93
N PHE C 29 -16.51 15.92 -6.30
CA PHE C 29 -16.33 14.72 -5.44
C PHE C 29 -14.83 14.48 -5.15
N SER C 30 -14.01 14.92 -6.08
CA SER C 30 -12.56 14.65 -6.15
C SER C 30 -11.80 15.80 -5.46
N LEU C 31 -12.52 16.85 -5.06
CA LEU C 31 -11.98 18.05 -4.38
C LEU C 31 -12.03 17.82 -2.87
N THR C 32 -10.92 18.09 -2.15
CA THR C 32 -10.90 17.95 -0.68
C THR C 32 -10.73 19.36 -0.10
N THR C 33 -9.51 19.77 0.16
CA THR C 33 -9.17 21.06 0.78
C THR C 33 -9.19 22.16 -0.26
N MET C 34 -9.70 23.34 0.12
CA MET C 34 -9.69 24.51 -0.73
C MET C 34 -8.81 25.58 -0.11
N GLY C 35 -8.17 26.42 -0.91
CA GLY C 35 -7.40 27.53 -0.37
C GLY C 35 -7.11 28.61 -1.37
N TRP C 36 -6.15 29.42 -1.00
CA TRP C 36 -5.73 30.60 -1.76
C TRP C 36 -4.22 30.61 -1.79
N PHE C 37 -3.71 30.95 -2.96
CA PHE C 37 -2.31 31.31 -3.20
C PHE C 37 -2.33 32.71 -3.78
N ARG C 38 -1.21 33.37 -3.69
CA ARG C 38 -1.04 34.68 -4.37
C ARG C 38 0.31 34.79 -5.10
N GLN C 39 0.36 35.70 -6.06
CA GLN C 39 1.62 35.93 -6.82
C GLN C 39 1.62 37.39 -7.28
N ALA C 40 2.66 38.12 -6.89
CA ALA C 40 3.00 39.47 -7.42
C ALA C 40 3.79 39.26 -8.71
N PRO C 41 4.00 40.32 -9.55
CA PRO C 41 4.92 40.21 -10.68
C PRO C 41 6.37 40.08 -10.20
N GLY C 42 7.09 39.10 -10.77
CA GLY C 42 8.53 38.86 -10.49
C GLY C 42 8.79 38.25 -9.11
N GLU C 43 7.76 37.66 -8.50
CA GLU C 43 7.88 36.83 -7.27
C GLU C 43 7.25 35.47 -7.55
N ASP C 44 7.62 34.46 -6.76
CA ASP C 44 7.06 33.09 -6.81
C ASP C 44 5.61 33.10 -6.28
N ARG C 45 4.73 32.28 -6.83
CA ARG C 45 3.40 31.96 -6.23
C ARG C 45 3.58 31.43 -4.80
N ALA C 46 2.76 31.90 -3.86
CA ALA C 46 3.01 31.69 -2.43
C ALA C 46 1.68 31.32 -1.77
N PHE C 47 1.70 30.34 -0.88
CA PHE C 47 0.52 29.95 -0.09
C PHE C 47 0.05 31.13 0.78
N VAL C 48 -1.26 31.27 0.85
CA VAL C 48 -1.96 32.23 1.74
C VAL C 48 -2.72 31.45 2.82
N THR C 49 -3.63 30.55 2.45
CA THR C 49 -4.53 29.93 3.44
C THR C 49 -5.22 28.72 2.85
N SER C 50 -5.65 27.79 3.70
CA SER C 50 -6.48 26.66 3.26
C SER C 50 -7.47 26.28 4.33
N ILE C 51 -8.54 25.63 3.89
CA ILE C 51 -9.58 25.13 4.79
C ILE C 51 -10.05 23.79 4.30
N SER C 52 -10.05 22.82 5.20
CA SER C 52 -10.38 21.41 4.85
C SER C 52 -11.91 21.22 4.85
N ARG C 53 -12.35 20.05 4.43
CA ARG C 53 -13.74 19.60 4.55
C ARG C 53 -14.22 19.74 6.00
N ALA C 54 -13.34 19.50 6.97
CA ALA C 54 -13.71 19.53 8.40
C ALA C 54 -13.53 20.94 8.99
N ALA C 55 -13.31 21.97 8.17
CA ALA C 55 -13.16 23.39 8.56
C ALA C 55 -11.85 23.62 9.29
N TYR C 56 -10.82 22.78 9.13
CA TYR C 56 -9.51 23.00 9.76
C TYR C 56 -8.73 23.97 8.87
N THR C 57 -8.24 25.05 9.46
CA THR C 57 -7.59 26.16 8.71
C THR C 57 -6.10 26.19 8.95
N TYR C 58 -5.40 26.66 7.91
CA TYR C 58 -3.97 27.02 7.94
C TYR C 58 -3.83 28.39 7.29
N TYR C 59 -2.91 29.19 7.81
CA TYR C 59 -2.54 30.51 7.26
C TYR C 59 -1.02 30.67 7.20
N ALA C 60 -0.55 31.29 6.14
CA ALA C 60 0.82 31.83 6.10
C ALA C 60 1.03 32.81 7.23
N ASP C 61 2.23 32.83 7.81
CA ASP C 61 2.54 33.71 8.96
C ASP C 61 2.29 35.17 8.60
N SER C 62 2.49 35.56 7.34
CA SER C 62 2.33 36.98 6.92
C SER C 62 0.87 37.45 6.97
N VAL C 63 -0.12 36.56 7.05
CA VAL C 63 -1.55 36.96 7.03
C VAL C 63 -2.30 36.50 8.29
N LYS C 64 -1.66 35.73 9.15
CA LYS C 64 -2.33 35.31 10.41
C LYS C 64 -2.82 36.49 11.23
N GLY C 65 -4.07 36.42 11.66
CA GLY C 65 -4.70 37.49 12.44
C GLY C 65 -5.30 38.57 11.58
N ARG C 66 -4.97 38.63 10.26
CA ARG C 66 -5.54 39.63 9.34
C ARG C 66 -6.57 39.02 8.39
N PHE C 67 -6.28 37.84 7.86
CA PHE C 67 -7.18 37.14 6.92
C PHE C 67 -7.88 35.99 7.64
N THR C 68 -9.13 35.79 7.32
CA THR C 68 -9.96 34.70 7.86
C THR C 68 -10.65 33.98 6.73
N ILE C 69 -10.43 32.68 6.62
CA ILE C 69 -11.12 31.86 5.61
C ILE C 69 -12.29 31.12 6.24
N SER C 70 -13.35 30.93 5.48
CA SER C 70 -14.53 30.14 5.85
C SER C 70 -15.00 29.37 4.62
N ARG C 71 -15.78 28.35 4.90
CA ARG C 71 -16.22 27.38 3.88
C ARG C 71 -17.68 27.00 4.07
N ASP C 72 -18.40 26.84 2.95
CA ASP C 72 -19.74 26.23 2.90
C ASP C 72 -19.66 24.96 2.05
N ASN C 73 -19.69 23.79 2.68
CA ASN C 73 -19.43 22.49 2.02
C ASN C 73 -20.59 22.19 1.04
N ALA C 74 -21.82 22.62 1.35
CA ALA C 74 -22.99 22.36 0.48
C ALA C 74 -22.84 23.09 -0.85
N LYS C 75 -22.18 24.23 -0.90
CA LYS C 75 -21.95 25.02 -2.14
C LYS C 75 -20.55 24.80 -2.70
N ASN C 76 -19.69 24.04 -2.01
CA ASN C 76 -18.25 23.94 -2.37
C ASN C 76 -17.68 25.32 -2.57
N MET C 77 -17.84 26.17 -1.54
N MET C 77 -17.94 26.23 -1.62
CA MET C 77 -17.55 27.61 -1.66
CA MET C 77 -17.54 27.66 -1.71
C MET C 77 -16.70 28.05 -0.46
C MET C 77 -16.69 28.04 -0.49
N VAL C 78 -15.65 28.82 -0.73
CA VAL C 78 -14.86 29.48 0.35
C VAL C 78 -15.00 30.98 0.19
N SER C 79 -14.90 31.65 1.33
CA SER C 79 -14.78 33.13 1.43
C SER C 79 -13.49 33.45 2.17
N LEU C 80 -12.84 34.51 1.75
CA LEU C 80 -11.61 34.99 2.38
C LEU C 80 -11.89 36.43 2.80
N GLN C 81 -11.95 36.66 4.10
CA GLN C 81 -12.08 38.03 4.64
C GLN C 81 -10.68 38.58 4.86
N MET C 82 -10.35 39.66 4.14
CA MET C 82 -9.01 40.28 4.23
C MET C 82 -9.13 41.61 4.98
N ASN C 83 -8.70 41.64 6.23
CA ASN C 83 -8.70 42.86 7.07
C ASN C 83 -7.29 43.46 7.14
N SER C 84 -7.19 44.74 7.49
CA SER C 84 -5.92 45.43 7.79
C SER C 84 -4.95 45.22 6.61
N LEU C 85 -5.45 45.42 5.41
CA LEU C 85 -4.67 45.20 4.18
C LEU C 85 -3.46 46.15 4.14
N LYS C 86 -2.34 45.63 3.64
CA LYS C 86 -1.05 46.36 3.50
C LYS C 86 -0.71 46.41 2.01
N PRO C 87 0.02 47.45 1.57
CA PRO C 87 0.50 47.48 0.18
C PRO C 87 1.15 46.16 -0.27
N GLU C 88 1.91 45.50 0.59
CA GLU C 88 2.61 44.23 0.25
C GLU C 88 1.59 43.10 0.03
N ASP C 89 0.27 43.29 0.29
CA ASP C 89 -0.76 42.27 -0.03
C ASP C 89 -1.18 42.35 -1.50
N THR C 90 -0.73 43.38 -2.24
CA THR C 90 -1.06 43.52 -3.68
C THR C 90 -0.53 42.31 -4.45
N ALA C 91 -1.40 41.60 -5.16
CA ALA C 91 -1.07 40.38 -5.90
C ALA C 91 -2.31 39.91 -6.60
N VAL C 92 -2.12 38.95 -7.50
CA VAL C 92 -3.20 38.11 -8.04
C VAL C 92 -3.44 36.98 -7.02
N TYR C 93 -4.66 36.89 -6.51
CA TYR C 93 -5.10 35.83 -5.55
C TYR C 93 -5.75 34.73 -6.35
N VAL C 94 -5.25 33.49 -6.20
CA VAL C 94 -5.82 32.38 -6.99
C VAL C 94 -6.37 31.35 -6.02
N CYS C 95 -7.58 30.93 -6.24
CA CYS C 95 -8.23 29.83 -5.55
C CYS C 95 -7.60 28.50 -6.01
N ALA C 96 -7.47 27.57 -5.08
CA ALA C 96 -6.79 26.28 -5.36
C ALA C 96 -7.54 25.17 -4.63
N GLY C 97 -7.38 23.93 -5.11
CA GLY C 97 -8.04 22.76 -4.57
C GLY C 97 -7.10 21.58 -4.55
N LYS C 98 -7.13 20.84 -3.46
CA LYS C 98 -6.44 19.52 -3.43
C LYS C 98 -7.36 18.47 -3.99
N GLY C 99 -6.77 17.40 -4.52
CA GLY C 99 -7.50 16.18 -4.83
C GLY C 99 -7.38 15.16 -3.71
N GLN C 100 -7.90 13.96 -3.92
CA GLN C 100 -7.99 12.86 -2.91
C GLN C 100 -6.56 12.41 -2.55
N GLY C 101 -5.60 12.68 -3.44
CA GLY C 101 -4.19 12.31 -3.27
C GLY C 101 -3.38 13.26 -2.42
N GLY C 102 -3.97 14.39 -1.99
CA GLY C 102 -3.23 15.36 -1.14
C GLY C 102 -2.39 16.33 -1.90
N THR C 103 -2.45 16.34 -3.24
CA THR C 103 -1.69 17.29 -4.04
C THR C 103 -2.64 18.44 -4.46
N TRP C 104 -2.09 19.64 -4.63
CA TRP C 104 -2.82 20.80 -5.20
C TRP C 104 -3.03 20.49 -6.70
N ASP C 105 -4.23 20.08 -7.09
CA ASP C 105 -4.56 19.53 -8.44
C ASP C 105 -5.31 20.60 -9.25
N TYR C 106 -5.83 21.67 -8.61
CA TYR C 106 -6.88 22.55 -9.22
C TYR C 106 -6.58 24.01 -8.97
N TRP C 107 -6.63 24.83 -10.03
CA TRP C 107 -6.30 26.28 -10.06
C TRP C 107 -7.54 27.03 -10.53
N GLY C 108 -7.76 28.19 -9.94
CA GLY C 108 -8.80 29.07 -10.32
C GLY C 108 -8.19 29.94 -11.36
N GLN C 109 -8.89 31.00 -11.70
CA GLN C 109 -8.52 31.95 -12.71
C GLN C 109 -7.69 33.10 -12.24
N GLY C 110 -7.76 33.40 -10.96
CA GLY C 110 -6.98 34.50 -10.39
C GLY C 110 -7.86 35.73 -10.36
N THR C 111 -7.68 36.56 -9.33
CA THR C 111 -8.34 37.88 -9.20
C THR C 111 -7.33 38.86 -8.61
N GLN C 112 -7.19 40.04 -9.21
CA GLN C 112 -6.22 41.06 -8.76
C GLN C 112 -6.76 41.71 -7.48
N VAL C 113 -5.89 41.88 -6.52
CA VAL C 113 -6.14 42.73 -5.34
C VAL C 113 -5.06 43.76 -5.31
N THR C 114 -5.44 45.03 -5.28
CA THR C 114 -4.47 46.14 -5.20
C THR C 114 -4.74 47.00 -3.98
N VAL C 115 -3.71 47.23 -3.15
CA VAL C 115 -3.78 48.02 -1.89
C VAL C 115 -2.92 49.27 -2.05
N SER C 116 -3.52 50.47 -2.14
CA SER C 116 -2.79 51.75 -2.38
C SER C 116 -2.39 52.38 -1.05
N SER C 117 -1.36 53.22 -1.05
CA SER C 117 -0.73 53.79 0.18
C SER C 117 -0.82 55.33 0.20
N GLN D 1 -17.23 -14.20 13.68
CA GLN D 1 -17.09 -13.38 12.46
C GLN D 1 -17.51 -14.23 11.26
N VAL D 2 -16.82 -15.35 10.99
CA VAL D 2 -17.33 -16.41 10.07
C VAL D 2 -17.17 -17.78 10.73
N GLN D 3 -18.28 -18.45 10.96
CA GLN D 3 -18.33 -19.85 11.46
C GLN D 3 -18.54 -20.80 10.28
N LEU D 4 -17.81 -21.91 10.26
CA LEU D 4 -17.94 -22.94 9.20
C LEU D 4 -18.40 -24.23 9.89
N GLN D 5 -19.46 -24.84 9.36
CA GLN D 5 -20.10 -26.04 9.98
C GLN D 5 -20.08 -27.15 8.94
N GLU D 6 -19.36 -28.24 9.22
CA GLU D 6 -19.24 -29.37 8.25
C GLU D 6 -20.40 -30.38 8.48
N SER D 7 -20.77 -31.08 7.41
CA SER D 7 -21.70 -32.24 7.48
C SER D 7 -21.03 -33.39 6.75
N GLY D 8 -21.40 -34.63 7.11
CA GLY D 8 -20.96 -35.76 6.30
C GLY D 8 -19.72 -36.35 6.92
N GLY D 9 -19.17 -37.35 6.27
CA GLY D 9 -17.95 -38.00 6.78
C GLY D 9 -18.27 -39.39 7.32
N GLY D 10 -17.26 -40.05 7.85
CA GLY D 10 -17.42 -41.35 8.51
C GLY D 10 -16.63 -42.40 7.79
N LEU D 11 -17.07 -43.65 7.98
CA LEU D 11 -16.30 -44.85 7.54
C LEU D 11 -16.80 -45.33 6.19
N VAL D 12 -15.90 -45.72 5.31
CA VAL D 12 -16.21 -46.29 3.98
C VAL D 12 -15.12 -47.31 3.66
N GLN D 13 -15.39 -48.34 2.84
CA GLN D 13 -14.34 -49.25 2.40
C GLN D 13 -13.62 -48.62 1.23
N ALA D 14 -12.35 -48.96 1.01
CA ALA D 14 -11.55 -48.58 -0.16
C ALA D 14 -12.38 -48.80 -1.42
N GLY D 15 -12.39 -47.80 -2.30
CA GLY D 15 -13.14 -47.80 -3.58
C GLY D 15 -14.48 -47.12 -3.47
N GLY D 16 -14.99 -46.91 -2.26
CA GLY D 16 -16.27 -46.27 -1.96
C GLY D 16 -16.22 -44.74 -2.17
N SER D 17 -17.30 -44.09 -1.76
CA SER D 17 -17.51 -42.64 -1.97
C SER D 17 -18.23 -42.06 -0.75
N LEU D 18 -17.97 -40.78 -0.48
CA LEU D 18 -18.62 -39.98 0.59
C LEU D 18 -18.81 -38.57 0.01
N ARG D 19 -19.76 -37.88 0.54
CA ARG D 19 -19.98 -36.44 0.26
C ARG D 19 -19.87 -35.69 1.57
N LEU D 20 -19.05 -34.62 1.55
CA LEU D 20 -18.95 -33.68 2.68
C LEU D 20 -19.61 -32.38 2.24
N SER D 21 -20.17 -31.66 3.17
CA SER D 21 -20.57 -30.28 2.86
C SER D 21 -20.20 -29.38 4.03
N CYS D 22 -20.23 -28.09 3.73
CA CYS D 22 -19.87 -27.03 4.69
C CYS D 22 -20.73 -25.81 4.39
N ALA D 23 -21.28 -25.22 5.44
CA ALA D 23 -22.09 -23.99 5.45
C ALA D 23 -21.41 -22.95 6.33
N ALA D 24 -21.27 -21.75 5.79
CA ALA D 24 -20.70 -20.59 6.52
C ALA D 24 -21.86 -19.72 7.01
N SER D 25 -21.74 -19.21 8.23
CA SER D 25 -22.64 -18.17 8.79
C SER D 25 -21.82 -17.06 9.48
N GLY D 26 -22.43 -15.89 9.70
CA GLY D 26 -21.78 -14.71 10.32
C GLY D 26 -21.54 -13.62 9.29
N ARG D 27 -20.37 -12.96 9.29
CA ARG D 27 -20.10 -11.81 8.38
C ARG D 27 -19.41 -12.35 7.11
N THR D 28 -20.23 -12.92 6.22
CA THR D 28 -19.78 -13.77 5.10
C THR D 28 -19.27 -12.89 3.96
N PHE D 29 -19.46 -11.57 3.99
CA PHE D 29 -18.82 -10.72 2.95
C PHE D 29 -17.30 -10.69 3.15
N SER D 30 -16.81 -11.09 4.32
CA SER D 30 -15.34 -11.25 4.57
C SER D 30 -14.83 -12.65 4.21
N LEU D 31 -15.71 -13.52 3.75
CA LEU D 31 -15.34 -14.89 3.32
C LEU D 31 -15.27 -14.88 1.82
N THR D 32 -14.11 -15.19 1.24
CA THR D 32 -13.88 -15.20 -0.19
C THR D 32 -13.94 -16.64 -0.66
N THR D 33 -12.80 -17.25 -0.76
CA THR D 33 -12.60 -18.61 -1.28
C THR D 33 -12.95 -19.58 -0.17
N MET D 34 -13.56 -20.72 -0.52
CA MET D 34 -13.83 -21.81 0.45
C MET D 34 -13.13 -23.08 -0.04
N GLY D 35 -12.78 -23.94 0.90
CA GLY D 35 -12.05 -25.14 0.50
C GLY D 35 -12.03 -26.17 1.60
N TRP D 36 -11.20 -27.16 1.35
CA TRP D 36 -11.03 -28.32 2.25
C TRP D 36 -9.54 -28.57 2.40
N PHE D 37 -9.15 -28.78 3.64
CA PHE D 37 -7.82 -29.27 4.06
C PHE D 37 -8.07 -30.62 4.77
N ARG D 38 -7.00 -31.37 4.94
CA ARG D 38 -7.12 -32.62 5.72
C ARG D 38 -5.86 -32.80 6.54
N GLN D 39 -6.06 -33.55 7.62
CA GLN D 39 -5.00 -33.70 8.63
C GLN D 39 -5.03 -35.13 9.18
N ALA D 40 -3.85 -35.73 9.18
CA ALA D 40 -3.61 -37.02 9.88
C ALA D 40 -3.02 -36.72 11.25
N PRO D 41 -3.16 -37.64 12.22
CA PRO D 41 -2.61 -37.42 13.56
C PRO D 41 -1.10 -37.17 13.49
N GLY D 42 -0.72 -36.13 14.22
CA GLY D 42 0.68 -35.72 14.37
C GLY D 42 1.14 -34.88 13.21
N GLU D 43 0.25 -34.56 12.27
CA GLU D 43 0.66 -33.86 11.04
C GLU D 43 -0.04 -32.51 11.00
N ASP D 44 0.44 -31.66 10.13
CA ASP D 44 -0.23 -30.38 9.85
C ASP D 44 -1.34 -30.56 8.80
N ARG D 45 -2.27 -29.62 8.77
CA ARG D 45 -3.30 -29.51 7.69
C ARG D 45 -2.59 -29.49 6.32
N ALA D 46 -3.14 -30.22 5.34
CA ALA D 46 -2.65 -30.23 3.95
C ALA D 46 -3.82 -29.87 3.01
N PHE D 47 -3.52 -29.08 1.99
CA PHE D 47 -4.55 -28.57 1.04
C PHE D 47 -5.16 -29.74 0.26
N VAL D 48 -6.49 -29.72 0.11
CA VAL D 48 -7.21 -30.71 -0.74
C VAL D 48 -7.77 -30.00 -1.98
N THR D 49 -8.52 -28.94 -1.77
CA THR D 49 -9.28 -28.31 -2.87
C THR D 49 -9.80 -26.94 -2.45
N SER D 50 -9.96 -26.04 -3.41
CA SER D 50 -10.65 -24.76 -3.14
C SER D 50 -11.55 -24.36 -4.31
N ILE D 51 -12.47 -23.46 -4.00
CA ILE D 51 -13.39 -22.86 -5.00
C ILE D 51 -13.67 -21.42 -4.59
N SER D 52 -13.44 -20.57 -5.56
CA SER D 52 -13.55 -19.08 -5.44
C SER D 52 -14.98 -18.62 -5.63
N ARG D 53 -15.25 -17.38 -5.24
CA ARG D 53 -16.59 -16.77 -5.51
C ARG D 53 -16.94 -16.95 -7.00
N ALA D 54 -15.99 -16.88 -7.92
CA ALA D 54 -16.20 -16.99 -9.39
C ALA D 54 -16.25 -18.47 -9.81
N ALA D 55 -16.25 -19.40 -8.85
CA ALA D 55 -16.36 -20.85 -9.06
C ALA D 55 -15.09 -21.40 -9.73
N TYR D 56 -13.93 -20.75 -9.57
CA TYR D 56 -12.66 -21.24 -10.11
C TYR D 56 -12.09 -22.25 -9.12
N THR D 57 -11.72 -23.43 -9.59
CA THR D 57 -11.38 -24.55 -8.67
C THR D 57 -9.90 -24.86 -8.77
N TYR D 58 -9.35 -25.31 -7.64
CA TYR D 58 -8.01 -25.92 -7.56
C TYR D 58 -8.10 -27.22 -6.74
N TYR D 59 -7.30 -28.18 -7.17
CA TYR D 59 -7.22 -29.52 -6.53
C TYR D 59 -5.78 -29.91 -6.31
N ALA D 60 -5.53 -30.54 -5.17
CA ALA D 60 -4.25 -31.27 -4.97
C ALA D 60 -4.15 -32.43 -6.01
N ASP D 61 -2.95 -32.63 -6.51
CA ASP D 61 -2.63 -33.68 -7.51
C ASP D 61 -3.19 -35.04 -7.07
N SER D 62 -3.06 -35.38 -5.80
CA SER D 62 -3.46 -36.70 -5.26
C SER D 62 -4.96 -36.95 -5.37
N VAL D 63 -5.81 -35.92 -5.59
CA VAL D 63 -7.27 -36.15 -5.56
C VAL D 63 -7.89 -35.82 -6.93
N LYS D 64 -7.09 -35.42 -7.90
CA LYS D 64 -7.56 -34.99 -9.24
C LYS D 64 -8.33 -36.13 -9.90
N GLY D 65 -9.52 -35.87 -10.45
CA GLY D 65 -10.37 -36.87 -11.11
C GLY D 65 -11.13 -37.76 -10.15
N ARG D 66 -10.92 -37.66 -8.82
CA ARG D 66 -11.73 -38.44 -7.87
C ARG D 66 -12.62 -37.57 -7.03
N PHE D 67 -12.12 -36.36 -6.66
CA PHE D 67 -12.83 -35.41 -5.80
C PHE D 67 -13.32 -34.26 -6.69
N THR D 68 -14.52 -33.82 -6.39
CA THR D 68 -15.13 -32.62 -7.00
C THR D 68 -15.71 -31.69 -5.96
N ILE D 69 -15.32 -30.40 -6.05
CA ILE D 69 -15.90 -29.38 -5.15
C ILE D 69 -16.90 -28.57 -5.98
N SER D 70 -17.96 -28.21 -5.33
CA SER D 70 -18.99 -27.27 -5.84
C SER D 70 -19.36 -26.25 -4.77
N ARG D 71 -19.93 -25.12 -5.21
CA ARG D 71 -20.34 -24.04 -4.29
C ARG D 71 -21.67 -23.43 -4.71
N ASP D 72 -22.44 -23.04 -3.71
CA ASP D 72 -23.67 -22.18 -3.77
C ASP D 72 -23.34 -20.85 -3.06
N ASN D 73 -23.05 -19.81 -3.84
CA ASN D 73 -22.69 -18.46 -3.29
C ASN D 73 -23.79 -17.94 -2.36
N ALA D 74 -25.08 -18.07 -2.71
CA ALA D 74 -26.19 -17.48 -1.92
C ALA D 74 -26.23 -18.09 -0.52
N LYS D 75 -25.89 -19.36 -0.40
CA LYS D 75 -26.01 -20.12 0.87
C LYS D 75 -24.64 -20.16 1.58
N ASN D 76 -23.58 -19.61 0.96
CA ASN D 76 -22.20 -19.67 1.50
C ASN D 76 -21.88 -21.14 1.83
N MET D 77 -22.07 -22.01 0.84
CA MET D 77 -22.03 -23.49 1.07
CA MET D 77 -22.06 -23.46 1.02
C MET D 77 -21.17 -24.15 0.02
N VAL D 78 -20.36 -25.14 0.40
CA VAL D 78 -19.58 -25.91 -0.60
C VAL D 78 -19.89 -27.39 -0.34
N SER D 79 -19.67 -28.18 -1.37
CA SER D 79 -19.78 -29.66 -1.26
C SER D 79 -18.51 -30.29 -1.82
N LEU D 80 -18.11 -31.41 -1.25
CA LEU D 80 -16.98 -32.19 -1.80
C LEU D 80 -17.49 -33.62 -2.00
N GLN D 81 -17.58 -34.00 -3.27
CA GLN D 81 -17.89 -35.38 -3.70
C GLN D 81 -16.56 -36.12 -3.82
N MET D 82 -16.38 -37.14 -2.98
CA MET D 82 -15.14 -37.96 -2.87
CA MET D 82 -15.12 -37.94 -2.97
C MET D 82 -15.43 -39.37 -3.44
N ASN D 83 -14.94 -39.67 -4.63
CA ASN D 83 -15.14 -40.97 -5.32
C ASN D 83 -13.84 -41.76 -5.25
N SER D 84 -13.92 -43.08 -5.41
CA SER D 84 -12.72 -43.92 -5.55
C SER D 84 -11.78 -43.67 -4.37
N LEU D 85 -12.37 -43.67 -3.20
CA LEU D 85 -11.61 -43.37 -1.95
C LEU D 85 -10.52 -44.42 -1.74
N LYS D 86 -9.33 -43.93 -1.37
CA LYS D 86 -8.13 -44.73 -1.11
C LYS D 86 -7.78 -44.70 0.37
N PRO D 87 -7.09 -45.74 0.88
CA PRO D 87 -6.69 -45.76 2.28
C PRO D 87 -6.03 -44.45 2.72
N GLU D 88 -5.17 -43.91 1.86
CA GLU D 88 -4.35 -42.71 2.16
C GLU D 88 -5.24 -41.47 2.21
N ASP D 89 -6.52 -41.56 1.88
CA ASP D 89 -7.46 -40.42 2.01
C ASP D 89 -7.95 -40.34 3.46
N THR D 90 -7.61 -41.31 4.32
CA THR D 90 -8.09 -41.34 5.71
C THR D 90 -7.47 -40.11 6.44
N ALA D 91 -8.29 -39.30 7.03
CA ALA D 91 -7.86 -38.02 7.64
C ALA D 91 -9.04 -37.34 8.28
N VAL D 92 -8.76 -36.35 9.12
CA VAL D 92 -9.80 -35.38 9.50
C VAL D 92 -9.89 -34.33 8.39
N TYR D 93 -11.06 -34.14 7.81
CA TYR D 93 -11.28 -33.18 6.73
C TYR D 93 -11.85 -31.92 7.39
N VAL D 94 -11.29 -30.77 7.01
CA VAL D 94 -11.68 -29.50 7.65
C VAL D 94 -12.04 -28.48 6.58
N CYS D 95 -13.24 -27.96 6.69
CA CYS D 95 -13.74 -26.89 5.81
C CYS D 95 -12.91 -25.63 6.15
N ALA D 96 -12.52 -24.87 5.14
CA ALA D 96 -11.67 -23.67 5.35
C ALA D 96 -12.21 -22.50 4.55
N GLY D 97 -11.81 -21.29 4.92
CA GLY D 97 -12.16 -20.10 4.13
C GLY D 97 -11.05 -19.07 4.18
N LYS D 98 -10.87 -18.37 3.06
CA LYS D 98 -9.95 -17.22 2.98
C LYS D 98 -10.73 -15.97 3.39
N GLY D 99 -10.02 -15.02 4.00
CA GLY D 99 -10.61 -13.68 4.18
C GLY D 99 -10.16 -12.74 3.08
N GLN D 100 -10.39 -11.43 3.30
CA GLN D 100 -10.17 -10.43 2.22
C GLN D 100 -8.69 -10.27 1.94
N GLY D 101 -7.82 -10.59 2.91
CA GLY D 101 -6.36 -10.51 2.71
C GLY D 101 -5.79 -11.72 2.00
N GLY D 102 -6.63 -12.65 1.55
CA GLY D 102 -6.16 -13.77 0.72
C GLY D 102 -5.49 -14.87 1.56
N THR D 103 -5.58 -14.77 2.89
CA THR D 103 -5.05 -15.76 3.82
C THR D 103 -6.17 -16.70 4.24
N TRP D 104 -5.83 -17.95 4.50
CA TRP D 104 -6.77 -18.92 5.11
C TRP D 104 -7.01 -18.55 6.56
N ASP D 105 -8.19 -18.01 6.86
CA ASP D 105 -8.51 -17.37 8.15
C ASP D 105 -9.56 -18.14 8.95
N TYR D 106 -10.35 -18.99 8.31
CA TYR D 106 -11.52 -19.64 8.93
C TYR D 106 -11.41 -21.18 8.82
N TRP D 107 -11.70 -21.87 9.91
CA TRP D 107 -11.66 -23.37 10.04
C TRP D 107 -13.01 -23.84 10.53
N GLY D 108 -13.52 -24.94 9.95
CA GLY D 108 -14.57 -25.72 10.61
C GLY D 108 -14.02 -26.51 11.77
N GLN D 109 -14.84 -27.41 12.31
CA GLN D 109 -14.52 -28.26 13.47
C GLN D 109 -13.83 -29.54 13.01
N GLY D 110 -13.93 -29.89 11.72
CA GLY D 110 -13.27 -31.08 11.15
C GLY D 110 -14.22 -32.29 11.21
N THR D 111 -14.14 -33.17 10.22
CA THR D 111 -14.95 -34.40 10.22
C THR D 111 -14.04 -35.56 9.85
N GLN D 112 -14.06 -36.63 10.68
CA GLN D 112 -13.23 -37.81 10.37
C GLN D 112 -13.75 -38.51 9.11
N VAL D 113 -12.86 -38.79 8.16
CA VAL D 113 -13.10 -39.72 7.02
C VAL D 113 -12.15 -40.91 7.20
N THR D 114 -12.70 -42.13 7.27
CA THR D 114 -11.87 -43.33 7.43
C THR D 114 -12.15 -44.27 6.26
N VAL D 115 -11.11 -44.60 5.51
CA VAL D 115 -11.14 -45.48 4.32
C VAL D 115 -10.46 -46.78 4.77
N SER D 116 -11.30 -47.72 5.16
CA SER D 116 -10.89 -49.06 5.70
C SER D 116 -10.65 -50.06 4.55
N SER D 117 -9.75 -51.01 4.79
CA SER D 117 -9.37 -52.06 3.83
C SER D 117 -9.49 -53.37 4.60
N HIS D 118 -10.00 -54.40 3.95
CA HIS D 118 -10.10 -55.73 4.58
C HIS D 118 -9.15 -56.63 3.82
N HIS D 119 -8.28 -57.35 4.53
CA HIS D 119 -7.27 -58.23 3.91
C HIS D 119 -7.90 -59.63 3.77
N HIS D 120 -8.66 -59.90 2.70
CA HIS D 120 -9.47 -61.15 2.51
C HIS D 120 -8.58 -62.40 2.56
#